data_5KN2
#
_entry.id   5KN2
#
_cell.length_a   130.363
_cell.length_b   169.194
_cell.length_c   155.477
_cell.angle_alpha   90.00
_cell.angle_beta   90.00
_cell.angle_gamma   90.00
#
_symmetry.space_group_name_H-M   'C 2 2 21'
#
loop_
_entity.id
_entity.type
_entity.pdbx_description
1 polymer Calsequestrin
2 branched 2-acetamido-2-deoxy-beta-D-glucopyranose-(1-4)-2-acetamido-2-deoxy-beta-D-glucopyranose
3 non-polymer 'CALCIUM ION'
4 water water
#
_entity_poly.entity_id   1
_entity_poly.type   'polypeptide(L)'
_entity_poly.pdbx_seq_one_letter_code
;EEGLDFPEYDGVDRVVNVNAKNYKNVFKKYEVLALLYHEPPEDDKASQRQFEMDELILELAAQVLEDKGVGFGMVDSEKD
AAVAKKLGLTEEDSVYVFKGDEVIEYDGEFSADTLVEFLLDVLEDPVELIEGERELQAFENIEDDNKLIGYFKNKDSEHY
KAYEDAAEEFHPYIPFFATFDSKVAKKLTLKLNEIDFYEAFMEEPVTIPDKPNSEEEIVSFVEAHKRSTLRKLKPESMYE
TWEDDLDGIHIVAFAEETDPDGYEFLETLKAVAQDNTDNPDLSIIWIDPDDFPLLVPYWEKTFNIDLSAPQIGVVNVTDA
DSVWMEMDDEEDLPSAEELEDWLEDVLEGEINTEDDDEEDD
;
_entity_poly.pdbx_strand_id   A,B,C
#
loop_
_chem_comp.id
_chem_comp.type
_chem_comp.name
_chem_comp.formula
CA non-polymer 'CALCIUM ION' 'Ca 2'
NAG D-saccharide, beta linking 2-acetamido-2-deoxy-beta-D-glucopyranose 'C8 H15 N O6'
#
# COMPACT_ATOMS: atom_id res chain seq x y z
N LEU A 4 -1.20 -51.09 26.51
CA LEU A 4 -2.14 -50.21 27.20
C LEU A 4 -1.41 -49.03 27.83
N ASP A 5 -0.34 -48.54 27.18
CA ASP A 5 0.57 -47.59 27.82
C ASP A 5 0.78 -46.41 26.88
N PHE A 6 0.71 -45.21 27.45
CA PHE A 6 0.85 -43.98 26.70
C PHE A 6 2.16 -43.90 25.92
N PRO A 7 2.15 -43.29 24.74
CA PRO A 7 3.37 -43.23 23.94
C PRO A 7 4.34 -42.22 24.53
N GLU A 8 5.63 -42.49 24.36
CA GLU A 8 6.66 -41.56 24.78
C GLU A 8 7.47 -41.14 23.56
N TYR A 9 7.86 -39.87 23.53
CA TYR A 9 8.55 -39.34 22.37
C TYR A 9 9.84 -40.11 22.12
N ASP A 10 10.04 -40.53 20.87
CA ASP A 10 11.17 -41.38 20.50
C ASP A 10 12.38 -40.60 19.98
N GLY A 11 12.36 -39.26 20.03
CA GLY A 11 13.51 -38.48 19.63
C GLY A 11 13.64 -38.20 18.14
N VAL A 12 12.83 -38.85 17.30
CA VAL A 12 12.88 -38.61 15.86
C VAL A 12 12.30 -37.25 15.53
N ASP A 13 13.05 -36.46 14.75
CA ASP A 13 12.64 -35.12 14.36
C ASP A 13 11.63 -35.20 13.22
N ARG A 14 10.36 -34.98 13.54
CA ARG A 14 9.30 -34.98 12.53
C ARG A 14 8.69 -33.60 12.31
N VAL A 15 8.92 -32.66 13.22
CA VAL A 15 8.34 -31.33 13.14
C VAL A 15 9.47 -30.34 12.86
N VAL A 16 9.35 -29.62 11.74
CA VAL A 16 10.37 -28.67 11.34
C VAL A 16 9.71 -27.32 11.10
N ASN A 17 10.54 -26.29 11.04
CA ASN A 17 10.09 -24.97 10.61
C ASN A 17 9.72 -25.02 9.13
N VAL A 18 8.55 -24.49 8.81
CA VAL A 18 8.04 -24.46 7.43
C VAL A 18 8.25 -23.07 6.86
N ASN A 19 9.07 -22.99 5.80
CA ASN A 19 9.55 -21.74 5.22
C ASN A 19 9.44 -21.80 3.70
N ALA A 20 9.84 -20.70 3.05
CA ALA A 20 9.71 -20.58 1.60
C ALA A 20 10.45 -21.68 0.83
N LYS A 21 11.50 -22.26 1.40
CA LYS A 21 12.27 -23.26 0.67
C LYS A 21 11.54 -24.61 0.62
N ASN A 22 10.93 -25.02 1.72
CA ASN A 22 10.43 -26.39 1.84
C ASN A 22 8.91 -26.55 1.83
N TYR A 23 8.14 -25.46 1.89
CA TYR A 23 6.72 -25.60 2.20
C TYR A 23 5.96 -26.43 1.16
N LYS A 24 6.32 -26.33 -0.12
CA LYS A 24 5.63 -27.15 -1.12
C LYS A 24 5.93 -28.63 -0.91
N ASN A 25 7.13 -28.98 -0.47
CA ASN A 25 7.44 -30.38 -0.26
C ASN A 25 6.74 -30.90 0.98
N VAL A 26 6.58 -30.06 2.01
CA VAL A 26 5.87 -30.49 3.21
C VAL A 26 4.42 -30.77 2.86
N PHE A 27 3.76 -29.83 2.18
CA PHE A 27 2.37 -30.05 1.77
C PHE A 27 2.22 -31.31 0.94
N LYS A 28 3.22 -31.64 0.13
CA LYS A 28 3.19 -32.84 -0.68
C LYS A 28 3.45 -34.10 0.14
N LYS A 29 4.26 -34.00 1.19
CA LYS A 29 4.61 -35.16 2.00
C LYS A 29 3.42 -35.69 2.83
N TYR A 30 2.47 -34.82 3.19
CA TYR A 30 1.42 -35.15 4.16
C TYR A 30 0.02 -34.93 3.61
N GLU A 31 -0.86 -35.90 3.89
CA GLU A 31 -2.26 -35.80 3.50
C GLU A 31 -2.99 -34.72 4.31
N VAL A 32 -2.71 -34.63 5.61
CA VAL A 32 -3.23 -33.58 6.48
C VAL A 32 -2.02 -32.92 7.15
N LEU A 33 -1.96 -31.60 7.13
CA LEU A 33 -0.82 -30.86 7.65
C LEU A 33 -1.33 -29.82 8.64
N ALA A 34 -0.75 -29.81 9.83
CA ALA A 34 -1.12 -28.85 10.86
C ALA A 34 0.06 -27.95 11.14
N LEU A 35 -0.14 -26.64 10.99
CA LEU A 35 0.93 -25.66 11.06
C LEU A 35 0.69 -24.74 12.24
N LEU A 36 1.61 -24.73 13.19
CA LEU A 36 1.57 -23.76 14.28
C LEU A 36 2.13 -22.44 13.77
N TYR A 37 1.29 -21.41 13.75
CA TYR A 37 1.72 -20.06 13.38
C TYR A 37 2.07 -19.35 14.67
N HIS A 38 3.36 -19.05 14.84
CA HIS A 38 3.88 -18.55 16.11
C HIS A 38 4.79 -17.36 15.89
N GLU A 39 4.79 -16.46 16.87
CA GLU A 39 5.78 -15.38 16.89
C GLU A 39 7.16 -15.93 17.17
N PRO A 40 8.21 -15.27 16.68
CA PRO A 40 9.57 -15.73 16.93
C PRO A 40 9.86 -15.78 18.42
N PRO A 41 10.49 -16.83 18.92
CA PRO A 41 10.77 -16.90 20.35
C PRO A 41 11.77 -15.83 20.76
N GLU A 42 11.55 -15.25 21.93
CA GLU A 42 12.53 -14.33 22.48
C GLU A 42 13.84 -15.06 22.76
N ASP A 43 14.91 -14.30 22.98
CA ASP A 43 16.24 -14.86 23.11
C ASP A 43 16.57 -15.31 24.53
N ASP A 44 15.82 -14.86 25.53
CA ASP A 44 16.08 -15.29 26.90
C ASP A 44 15.87 -16.80 27.05
N LYS A 45 16.50 -17.36 28.09
CA LYS A 45 16.49 -18.80 28.27
C LYS A 45 15.08 -19.33 28.55
N ALA A 46 14.28 -18.58 29.31
CA ALA A 46 12.91 -19.01 29.60
C ALA A 46 12.08 -19.13 28.33
N SER A 47 12.09 -18.10 27.48
CA SER A 47 11.33 -18.16 26.25
C SER A 47 11.86 -19.26 25.34
N GLN A 48 13.17 -19.49 25.35
CA GLN A 48 13.72 -20.59 24.56
C GLN A 48 13.23 -21.92 25.09
N ARG A 49 13.28 -22.11 26.41
CA ARG A 49 12.82 -23.37 26.99
C ARG A 49 11.35 -23.58 26.66
N GLN A 50 10.54 -22.53 26.83
CA GLN A 50 9.12 -22.63 26.52
C GLN A 50 8.91 -22.98 25.05
N PHE A 51 9.69 -22.38 24.16
CA PHE A 51 9.61 -22.70 22.73
C PHE A 51 10.00 -24.14 22.43
N GLU A 52 11.06 -24.63 23.08
CA GLU A 52 11.46 -26.01 22.88
C GLU A 52 10.40 -26.97 23.38
N MET A 53 9.76 -26.63 24.51
CA MET A 53 8.72 -27.49 25.05
C MET A 53 7.48 -27.48 24.17
N ASP A 54 7.17 -26.33 23.56
CA ASP A 54 6.05 -26.28 22.61
C ASP A 54 6.30 -27.19 21.41
N GLU A 55 7.52 -27.16 20.86
CA GLU A 55 7.84 -28.01 19.71
C GLU A 55 7.72 -29.49 20.09
N LEU A 56 8.15 -29.84 21.30
CA LEU A 56 8.05 -31.21 21.79
C LEU A 56 6.60 -31.70 21.81
N ILE A 57 5.66 -30.82 22.14
CA ILE A 57 4.24 -31.20 22.07
C ILE A 57 3.87 -31.63 20.66
N LEU A 58 4.27 -30.84 19.65
CA LEU A 58 3.98 -31.20 18.27
C LEU A 58 4.69 -32.49 17.86
N GLU A 59 5.94 -32.68 18.32
CA GLU A 59 6.64 -33.92 17.99
C GLU A 59 5.87 -35.14 18.48
N LEU A 60 5.32 -35.08 19.69
CA LEU A 60 4.58 -36.23 20.20
C LEU A 60 3.33 -36.46 19.37
N ALA A 61 2.58 -35.39 19.06
CA ALA A 61 1.40 -35.55 18.23
C ALA A 61 1.76 -36.10 16.87
N ALA A 62 2.87 -35.63 16.29
CA ALA A 62 3.30 -36.10 14.98
C ALA A 62 3.67 -37.58 15.02
N GLN A 63 4.35 -38.02 16.08
CA GLN A 63 4.64 -39.44 16.23
C GLN A 63 3.37 -40.26 16.30
N VAL A 64 2.39 -39.81 17.11
CA VAL A 64 1.18 -40.60 17.33
C VAL A 64 0.40 -40.74 16.04
N LEU A 65 0.37 -39.70 15.22
CA LEU A 65 -0.45 -39.64 14.02
C LEU A 65 0.34 -39.88 12.74
N GLU A 66 1.59 -40.34 12.84
CA GLU A 66 2.40 -40.48 11.63
C GLU A 66 1.75 -41.44 10.64
N ASP A 67 1.30 -42.60 11.11
CA ASP A 67 0.72 -43.62 10.25
C ASP A 67 -0.65 -43.26 9.72
N LYS A 68 -1.22 -42.12 10.13
CA LYS A 68 -2.51 -41.67 9.64
C LYS A 68 -2.38 -40.52 8.66
N GLY A 69 -1.17 -40.24 8.19
CA GLY A 69 -0.99 -39.23 7.17
C GLY A 69 -0.98 -37.82 7.68
N VAL A 70 -0.80 -37.62 8.97
CA VAL A 70 -0.80 -36.29 9.56
C VAL A 70 0.63 -35.84 9.76
N GLY A 71 0.90 -34.57 9.44
CA GLY A 71 2.17 -33.97 9.75
C GLY A 71 1.97 -32.64 10.46
N PHE A 72 3.01 -32.23 11.18
CA PHE A 72 3.01 -30.95 11.88
C PHE A 72 4.21 -30.13 11.44
N GLY A 73 4.02 -28.81 11.40
CA GLY A 73 5.08 -27.88 11.10
C GLY A 73 4.90 -26.60 11.89
N MET A 74 5.91 -25.74 11.82
CA MET A 74 5.91 -24.49 12.55
C MET A 74 6.31 -23.37 11.59
N VAL A 75 5.59 -22.26 11.69
CA VAL A 75 5.80 -21.12 10.81
C VAL A 75 6.05 -19.91 11.69
N ASP A 76 7.25 -19.33 11.56
CA ASP A 76 7.63 -18.14 12.31
C ASP A 76 6.97 -16.92 11.67
N SER A 77 6.17 -16.18 12.45
CA SER A 77 5.37 -15.10 11.88
C SER A 77 6.22 -13.94 11.36
N GLU A 78 7.48 -13.84 11.79
CA GLU A 78 8.38 -12.80 11.29
C GLU A 78 9.29 -13.36 10.22
N LYS A 79 10.09 -14.38 10.57
CA LYS A 79 11.00 -14.97 9.59
C LYS A 79 10.24 -15.51 8.38
N ASP A 80 9.06 -16.09 8.61
CA ASP A 80 8.31 -16.76 7.56
C ASP A 80 7.04 -16.00 7.21
N ALA A 81 7.09 -14.66 7.33
CA ALA A 81 5.90 -13.83 7.16
C ALA A 81 5.33 -13.99 5.75
N ALA A 82 6.19 -14.12 4.75
CA ALA A 82 5.75 -14.23 3.38
C ALA A 82 5.01 -15.54 3.13
N VAL A 83 5.57 -16.66 3.60
CA VAL A 83 4.88 -17.94 3.46
C VAL A 83 3.58 -17.92 4.24
N ALA A 84 3.62 -17.35 5.45
CA ALA A 84 2.41 -17.27 6.25
C ALA A 84 1.31 -16.51 5.51
N LYS A 85 1.68 -15.42 4.83
CA LYS A 85 0.70 -14.64 4.10
C LYS A 85 0.12 -15.44 2.93
N LYS A 86 0.97 -16.11 2.17
CA LYS A 86 0.46 -16.92 1.07
C LYS A 86 -0.48 -18.01 1.56
N LEU A 87 -0.18 -18.62 2.71
CA LEU A 87 -1.00 -19.71 3.23
C LEU A 87 -2.21 -19.26 4.06
N GLY A 88 -2.32 -17.98 4.42
CA GLY A 88 -3.45 -17.53 5.20
C GLY A 88 -3.31 -17.68 6.70
N LEU A 89 -2.09 -17.77 7.22
CA LEU A 89 -1.86 -17.90 8.65
C LEU A 89 -1.78 -16.50 9.25
N THR A 90 -2.79 -16.11 10.01
CA THR A 90 -2.85 -14.74 10.53
C THR A 90 -2.90 -14.61 12.05
N GLU A 91 -3.36 -15.63 12.78
CA GLU A 91 -3.56 -15.51 14.22
C GLU A 91 -2.47 -16.28 14.92
N GLU A 92 -1.56 -15.57 15.59
CA GLU A 92 -0.46 -16.22 16.26
C GLU A 92 -0.97 -17.13 17.36
N ASP A 93 -0.32 -18.27 17.51
CA ASP A 93 -0.64 -19.32 18.48
C ASP A 93 -1.81 -20.18 18.01
N SER A 94 -2.34 -19.96 16.81
CA SER A 94 -3.33 -20.86 16.25
C SER A 94 -2.62 -21.94 15.45
N VAL A 95 -3.26 -23.11 15.38
CA VAL A 95 -2.80 -24.21 14.55
C VAL A 95 -3.75 -24.30 13.36
N TYR A 96 -3.19 -24.23 12.15
CA TYR A 96 -3.99 -24.27 10.94
C TYR A 96 -3.86 -25.67 10.34
N VAL A 97 -5.00 -26.33 10.16
CA VAL A 97 -5.07 -27.71 9.71
C VAL A 97 -5.57 -27.73 8.28
N PHE A 98 -4.78 -28.31 7.38
CA PHE A 98 -5.09 -28.35 5.96
C PHE A 98 -5.64 -29.73 5.60
N LYS A 99 -6.94 -29.81 5.28
CA LYS A 99 -7.57 -31.05 4.82
C LYS A 99 -8.33 -30.74 3.54
N GLY A 100 -7.99 -31.44 2.47
CA GLY A 100 -8.63 -31.20 1.18
C GLY A 100 -8.51 -29.73 0.76
N ASP A 101 -9.65 -29.12 0.46
CA ASP A 101 -9.72 -27.71 0.05
C ASP A 101 -10.03 -26.77 1.20
N GLU A 102 -10.04 -27.25 2.44
CA GLU A 102 -10.44 -26.46 3.59
C GLU A 102 -9.25 -26.17 4.50
N VAL A 103 -9.31 -25.05 5.19
CA VAL A 103 -8.30 -24.67 6.19
C VAL A 103 -9.01 -24.46 7.52
N ILE A 104 -8.73 -25.32 8.48
CA ILE A 104 -9.43 -25.37 9.76
C ILE A 104 -8.52 -24.74 10.82
N GLU A 105 -9.04 -23.71 11.49
CA GLU A 105 -8.28 -23.01 12.53
C GLU A 105 -8.51 -23.71 13.87
N TYR A 106 -7.43 -24.15 14.51
CA TYR A 106 -7.50 -24.67 15.86
C TYR A 106 -7.00 -23.59 16.81
N ASP A 107 -7.83 -23.23 17.79
CA ASP A 107 -7.53 -22.18 18.77
C ASP A 107 -7.96 -22.66 20.16
N GLY A 108 -7.40 -23.80 20.59
CA GLY A 108 -7.74 -24.41 21.86
C GLY A 108 -6.51 -24.80 22.66
N GLU A 109 -6.71 -25.61 23.70
CA GLU A 109 -5.61 -25.99 24.59
C GLU A 109 -4.46 -26.59 23.81
N PHE A 110 -3.25 -26.10 24.06
CA PHE A 110 -2.06 -26.60 23.38
C PHE A 110 -1.47 -27.75 24.20
N SER A 111 -1.98 -28.94 23.91
CA SER A 111 -1.56 -30.15 24.59
C SER A 111 -1.65 -31.28 23.59
N ALA A 112 -0.77 -32.27 23.75
CA ALA A 112 -0.70 -33.35 22.77
C ALA A 112 -2.02 -34.11 22.73
N ASP A 113 -2.59 -34.38 23.90
CA ASP A 113 -3.83 -35.14 23.94
C ASP A 113 -4.95 -34.37 23.26
N THR A 114 -5.10 -33.08 23.58
CA THR A 114 -6.17 -32.30 22.95
C THR A 114 -5.94 -32.14 21.46
N LEU A 115 -4.68 -31.93 21.04
CA LEU A 115 -4.38 -31.80 19.62
C LEU A 115 -4.70 -33.08 18.86
N VAL A 116 -4.28 -34.22 19.39
CA VAL A 116 -4.51 -35.48 18.70
C VAL A 116 -6.00 -35.78 18.61
N GLU A 117 -6.74 -35.54 19.68
CA GLU A 117 -8.18 -35.73 19.63
C GLU A 117 -8.81 -34.87 18.54
N PHE A 118 -8.36 -33.63 18.43
CA PHE A 118 -8.88 -32.74 17.39
C PHE A 118 -8.56 -33.27 16.00
N LEU A 119 -7.30 -33.65 15.77
CA LEU A 119 -6.93 -34.16 14.46
C LEU A 119 -7.72 -35.41 14.10
N LEU A 120 -7.92 -36.31 15.06
CA LEU A 120 -8.75 -37.49 14.78
C LEU A 120 -10.17 -37.11 14.39
N ASP A 121 -10.72 -36.04 14.96
CA ASP A 121 -12.03 -35.57 14.52
C ASP A 121 -11.95 -34.98 13.13
N VAL A 122 -10.87 -34.25 12.82
CA VAL A 122 -10.71 -33.70 11.47
C VAL A 122 -10.70 -34.82 10.45
N LEU A 123 -10.02 -35.93 10.76
CA LEU A 123 -9.88 -37.01 9.79
C LEU A 123 -11.20 -37.72 9.50
N GLU A 124 -12.20 -37.63 10.36
CA GLU A 124 -13.48 -38.29 10.10
C GLU A 124 -14.27 -37.53 9.05
N ASP A 125 -15.25 -38.23 8.48
CA ASP A 125 -16.07 -37.61 7.46
C ASP A 125 -16.96 -36.55 8.07
N PRO A 126 -17.29 -35.49 7.32
CA PRO A 126 -18.01 -34.36 7.91
C PRO A 126 -19.51 -34.56 8.06
N VAL A 127 -20.08 -35.65 7.55
CA VAL A 127 -21.52 -35.91 7.68
C VAL A 127 -21.71 -37.31 8.27
N GLU A 128 -22.59 -37.41 9.26
CA GLU A 128 -22.94 -38.66 9.91
C GLU A 128 -24.37 -38.98 9.53
N LEU A 129 -24.61 -40.21 9.10
CA LEU A 129 -25.95 -40.59 8.70
C LEU A 129 -26.74 -41.04 9.92
N ILE A 130 -28.05 -40.92 9.83
CA ILE A 130 -28.97 -41.32 10.89
C ILE A 130 -29.99 -42.26 10.26
N GLU A 131 -30.02 -43.49 10.74
CA GLU A 131 -30.98 -44.47 10.28
C GLU A 131 -31.42 -45.28 11.48
N GLY A 132 -32.73 -45.42 11.65
CA GLY A 132 -33.28 -46.16 12.76
C GLY A 132 -33.45 -45.35 14.04
N GLU A 133 -34.14 -45.97 14.99
CA GLU A 133 -34.57 -45.29 16.20
C GLU A 133 -33.42 -44.99 17.15
N ARG A 134 -32.49 -45.94 17.33
CA ARG A 134 -31.40 -45.72 18.28
C ARG A 134 -30.46 -44.63 17.80
N GLU A 135 -30.15 -44.61 16.50
CA GLU A 135 -29.30 -43.57 15.95
C GLU A 135 -29.97 -42.21 16.08
N LEU A 136 -31.29 -42.17 15.88
CA LEU A 136 -32.04 -40.94 16.07
C LEU A 136 -31.92 -40.46 17.52
N GLN A 137 -32.00 -41.40 18.47
CA GLN A 137 -31.81 -41.03 19.87
C GLN A 137 -30.42 -40.46 20.14
N ALA A 138 -29.39 -41.05 19.53
CA ALA A 138 -28.04 -40.49 19.66
C ALA A 138 -27.97 -39.07 19.15
N PHE A 139 -28.65 -38.79 18.04
CA PHE A 139 -28.69 -37.43 17.50
C PHE A 139 -29.36 -36.48 18.49
N GLU A 140 -30.49 -36.89 19.06
CA GLU A 140 -31.23 -36.02 19.98
C GLU A 140 -30.47 -35.78 21.28
N ASN A 141 -29.58 -36.68 21.68
CA ASN A 141 -28.80 -36.47 22.91
C ASN A 141 -27.77 -35.36 22.77
N ILE A 142 -27.44 -34.93 21.55
CA ILE A 142 -26.45 -33.88 21.36
C ILE A 142 -27.10 -32.56 21.74
N GLU A 143 -26.50 -31.85 22.70
CA GLU A 143 -26.98 -30.51 23.01
C GLU A 143 -25.89 -29.47 23.26
N ASP A 144 -24.65 -29.86 23.55
CA ASP A 144 -23.59 -28.89 23.81
C ASP A 144 -22.98 -28.33 22.53
N ASP A 145 -23.47 -28.76 21.35
CA ASP A 145 -23.01 -28.24 20.07
C ASP A 145 -24.21 -27.81 19.25
N ASN A 146 -24.00 -26.76 18.44
CA ASN A 146 -24.87 -26.57 17.29
C ASN A 146 -24.85 -27.81 16.42
N LYS A 147 -25.99 -28.16 15.84
CA LYS A 147 -26.04 -29.32 14.96
C LYS A 147 -27.05 -29.05 13.86
N LEU A 148 -26.84 -29.70 12.72
CA LEU A 148 -27.79 -29.65 11.62
C LEU A 148 -28.21 -31.05 11.24
N ILE A 149 -29.44 -31.17 10.75
CA ILE A 149 -29.89 -32.45 10.18
C ILE A 149 -30.74 -32.16 8.96
N GLY A 150 -30.49 -32.88 7.88
CA GLY A 150 -31.25 -32.72 6.66
C GLY A 150 -31.74 -34.06 6.15
N TYR A 151 -32.84 -34.02 5.43
CA TYR A 151 -33.46 -35.20 4.83
C TYR A 151 -33.29 -35.14 3.32
N PHE A 152 -32.64 -36.14 2.73
CA PHE A 152 -32.41 -36.16 1.29
C PHE A 152 -32.82 -37.50 0.71
N LYS A 153 -32.90 -37.54 -0.62
CA LYS A 153 -33.35 -38.77 -1.29
C LYS A 153 -32.34 -39.88 -1.07
N ASN A 154 -31.06 -39.60 -1.31
CA ASN A 154 -29.99 -40.58 -1.17
C ASN A 154 -28.67 -39.84 -1.32
N LYS A 155 -27.57 -40.60 -1.25
CA LYS A 155 -26.22 -40.03 -1.26
C LYS A 155 -25.85 -39.42 -2.60
N ASP A 156 -26.56 -39.77 -3.66
CA ASP A 156 -26.31 -39.22 -4.99
C ASP A 156 -27.09 -37.94 -5.25
N SER A 157 -28.00 -37.55 -4.37
CA SER A 157 -28.77 -36.32 -4.52
C SER A 157 -27.84 -35.12 -4.62
N GLU A 158 -28.08 -34.29 -5.62
CA GLU A 158 -27.34 -33.04 -5.75
C GLU A 158 -27.46 -32.17 -4.50
N HIS A 159 -28.58 -32.29 -3.77
CA HIS A 159 -28.78 -31.47 -2.58
C HIS A 159 -28.01 -32.01 -1.38
N TYR A 160 -27.87 -33.33 -1.28
CA TYR A 160 -26.99 -33.92 -0.28
C TYR A 160 -25.55 -33.53 -0.53
N LYS A 161 -25.11 -33.50 -1.79
CA LYS A 161 -23.73 -33.16 -2.09
C LYS A 161 -23.46 -31.70 -1.73
N ALA A 162 -24.43 -30.81 -1.96
CA ALA A 162 -24.28 -29.44 -1.49
C ALA A 162 -24.19 -29.39 0.03
N TYR A 163 -25.00 -30.21 0.69
CA TYR A 163 -24.98 -30.26 2.14
C TYR A 163 -23.63 -30.77 2.64
N GLU A 164 -23.10 -31.81 2.02
CA GLU A 164 -21.79 -32.33 2.40
C GLU A 164 -20.70 -31.29 2.20
N ASP A 165 -20.77 -30.54 1.10
CA ASP A 165 -19.78 -29.50 0.83
C ASP A 165 -19.84 -28.39 1.88
N ALA A 166 -21.05 -28.04 2.33
CA ALA A 166 -21.19 -27.05 3.40
C ALA A 166 -20.64 -27.57 4.72
N ALA A 167 -20.84 -28.86 4.99
CA ALA A 167 -20.34 -29.45 6.23
C ALA A 167 -18.82 -29.30 6.31
N GLU A 168 -18.14 -29.40 5.17
CA GLU A 168 -16.68 -29.32 5.17
C GLU A 168 -16.18 -27.99 5.69
N GLU A 169 -16.96 -26.91 5.49
CA GLU A 169 -16.53 -25.58 5.89
C GLU A 169 -16.43 -25.43 7.41
N PHE A 170 -17.26 -26.15 8.17
CA PHE A 170 -17.31 -25.98 9.62
C PHE A 170 -16.75 -27.17 10.37
N HIS A 171 -16.23 -28.15 9.66
CA HIS A 171 -15.68 -29.36 10.26
C HIS A 171 -14.46 -29.02 11.12
N PRO A 172 -14.35 -29.62 12.31
CA PRO A 172 -15.21 -30.56 13.04
C PRO A 172 -16.06 -29.93 14.14
N TYR A 173 -16.30 -28.61 14.05
CA TYR A 173 -16.89 -27.89 15.16
C TYR A 173 -18.41 -28.02 15.21
N ILE A 174 -19.07 -28.06 14.05
CA ILE A 174 -20.52 -28.11 13.97
C ILE A 174 -20.92 -29.38 13.23
N PRO A 175 -21.35 -30.42 13.94
CA PRO A 175 -21.66 -31.70 13.29
C PRO A 175 -22.87 -31.56 12.36
N PHE A 176 -22.71 -32.09 11.15
CA PHE A 176 -23.78 -32.15 10.16
C PHE A 176 -24.32 -33.58 10.08
N PHE A 177 -25.63 -33.74 10.26
CA PHE A 177 -26.28 -35.03 10.14
C PHE A 177 -27.20 -35.08 8.92
N ALA A 178 -27.36 -36.28 8.37
CA ALA A 178 -28.25 -36.50 7.23
C ALA A 178 -29.03 -37.79 7.42
N THR A 179 -30.26 -37.80 6.90
CA THR A 179 -31.04 -39.03 6.84
C THR A 179 -31.62 -39.20 5.44
N PHE A 180 -31.69 -40.46 5.00
CA PHE A 180 -32.44 -40.84 3.81
C PHE A 180 -33.70 -41.63 4.17
N ASP A 181 -34.02 -41.72 5.46
CA ASP A 181 -35.08 -42.58 5.98
C ASP A 181 -36.32 -41.72 6.20
N SER A 182 -37.36 -41.94 5.39
CA SER A 182 -38.56 -41.13 5.49
C SER A 182 -39.22 -41.26 6.86
N LYS A 183 -39.01 -42.39 7.56
CA LYS A 183 -39.60 -42.52 8.89
C LYS A 183 -38.86 -41.66 9.90
N VAL A 184 -37.53 -41.60 9.81
CA VAL A 184 -36.78 -40.68 10.65
C VAL A 184 -37.18 -39.25 10.33
N ALA A 185 -37.21 -38.92 9.03
CA ALA A 185 -37.55 -37.56 8.62
C ALA A 185 -38.92 -37.14 9.10
N LYS A 186 -39.89 -38.06 9.04
CA LYS A 186 -41.24 -37.71 9.48
C LYS A 186 -41.23 -37.40 10.98
N LYS A 187 -40.51 -38.21 11.77
CA LYS A 187 -40.39 -37.98 13.20
C LYS A 187 -39.74 -36.63 13.51
N LEU A 188 -38.78 -36.23 12.67
CA LEU A 188 -38.11 -34.94 12.81
C LEU A 188 -38.91 -33.79 12.23
N THR A 189 -40.01 -34.06 11.52
CA THR A 189 -40.78 -33.04 10.79
C THR A 189 -39.92 -32.39 9.70
N LEU A 190 -39.03 -33.17 9.10
CA LEU A 190 -38.20 -32.73 7.99
C LEU A 190 -38.84 -33.11 6.67
N LYS A 191 -39.18 -32.12 5.87
CA LYS A 191 -39.62 -32.39 4.51
C LYS A 191 -38.40 -32.66 3.65
N LEU A 192 -38.61 -33.30 2.51
CA LEU A 192 -37.47 -33.70 1.68
C LEU A 192 -36.64 -32.48 1.30
N ASN A 193 -35.34 -32.56 1.54
CA ASN A 193 -34.37 -31.51 1.28
C ASN A 193 -34.47 -30.35 2.26
N GLU A 194 -35.32 -30.44 3.30
CA GLU A 194 -35.27 -29.45 4.36
C GLU A 194 -34.11 -29.75 5.30
N ILE A 195 -33.58 -28.69 5.89
CA ILE A 195 -32.49 -28.78 6.84
C ILE A 195 -32.91 -28.01 8.09
N ASP A 196 -32.82 -28.67 9.25
CA ASP A 196 -33.12 -28.03 10.53
C ASP A 196 -31.80 -27.78 11.25
N PHE A 197 -31.66 -26.57 11.78
CA PHE A 197 -30.51 -26.19 12.58
C PHE A 197 -30.93 -26.15 14.04
N TYR A 198 -30.28 -26.96 14.86
CA TYR A 198 -30.55 -26.99 16.30
C TYR A 198 -29.43 -26.22 17.02
N GLU A 199 -29.76 -25.01 17.47
CA GLU A 199 -28.80 -24.25 18.27
C GLU A 199 -28.50 -25.02 19.55
N ALA A 200 -27.25 -24.93 20.01
CA ALA A 200 -26.83 -25.62 21.24
C ALA A 200 -27.80 -25.36 22.38
N PHE A 201 -28.18 -26.44 23.08
CA PHE A 201 -29.01 -26.40 24.27
C PHE A 201 -30.45 -25.99 23.98
N MET A 202 -30.83 -25.80 22.71
CA MET A 202 -32.21 -25.46 22.39
C MET A 202 -32.99 -26.73 22.08
N GLU A 203 -34.28 -26.70 22.44
CA GLU A 203 -35.16 -27.81 22.13
C GLU A 203 -35.71 -27.69 20.72
N GLU A 204 -36.07 -26.50 20.30
CA GLU A 204 -36.76 -26.26 19.05
C GLU A 204 -35.78 -25.86 17.96
N PRO A 205 -35.80 -26.50 16.79
CA PRO A 205 -34.90 -26.13 15.70
C PRO A 205 -35.39 -24.94 14.89
N VAL A 206 -34.48 -24.44 14.04
CA VAL A 206 -34.80 -23.44 13.03
C VAL A 206 -34.58 -24.07 11.67
N THR A 207 -35.62 -24.06 10.83
CA THR A 207 -35.53 -24.64 9.50
C THR A 207 -34.86 -23.63 8.57
N ILE A 208 -33.86 -24.09 7.81
CA ILE A 208 -33.21 -23.18 6.86
C ILE A 208 -34.21 -22.83 5.75
N PRO A 209 -34.42 -21.55 5.44
CA PRO A 209 -35.42 -21.17 4.44
C PRO A 209 -35.00 -21.46 3.01
N ASP A 210 -36.01 -21.55 2.14
CA ASP A 210 -35.83 -21.54 0.67
C ASP A 210 -35.17 -22.82 0.17
N LYS A 211 -35.59 -23.97 0.70
CA LYS A 211 -35.09 -25.25 0.23
C LYS A 211 -35.60 -25.58 -1.18
N PRO A 212 -34.86 -26.41 -1.95
CA PRO A 212 -33.55 -27.01 -1.61
C PRO A 212 -32.46 -25.97 -1.46
N ASN A 213 -31.50 -26.23 -0.57
CA ASN A 213 -30.50 -25.24 -0.23
C ASN A 213 -29.18 -25.55 -0.90
N SER A 214 -28.54 -24.50 -1.40
CA SER A 214 -27.21 -24.59 -1.97
C SER A 214 -26.16 -24.53 -0.86
N GLU A 215 -24.93 -24.88 -1.23
CA GLU A 215 -23.82 -24.75 -0.29
C GLU A 215 -23.79 -23.34 0.28
N GLU A 216 -23.93 -22.33 -0.59
CA GLU A 216 -23.82 -20.95 -0.16
C GLU A 216 -24.94 -20.57 0.81
N GLU A 217 -26.16 -21.05 0.55
CA GLU A 217 -27.27 -20.77 1.45
C GLU A 217 -27.05 -21.39 2.83
N ILE A 218 -26.50 -22.60 2.87
CA ILE A 218 -26.26 -23.27 4.15
C ILE A 218 -25.15 -22.56 4.91
N VAL A 219 -24.02 -22.30 4.25
CA VAL A 219 -22.88 -21.67 4.91
C VAL A 219 -23.28 -20.31 5.49
N SER A 220 -23.96 -19.49 4.71
CA SER A 220 -24.35 -18.18 5.18
C SER A 220 -25.31 -18.29 6.36
N PHE A 221 -26.23 -19.25 6.32
CA PHE A 221 -27.14 -19.47 7.44
C PHE A 221 -26.37 -19.84 8.70
N VAL A 222 -25.46 -20.81 8.60
CA VAL A 222 -24.74 -21.29 9.78
C VAL A 222 -23.88 -20.17 10.35
N GLU A 223 -23.23 -19.38 9.49
CA GLU A 223 -22.43 -18.27 9.98
C GLU A 223 -23.27 -17.31 10.79
N ALA A 224 -24.52 -17.10 10.39
CA ALA A 224 -25.38 -16.14 11.09
C ALA A 224 -25.91 -16.68 12.42
N HIS A 225 -25.99 -18.00 12.58
CA HIS A 225 -26.48 -18.61 13.81
C HIS A 225 -25.36 -19.26 14.60
N LYS A 226 -24.11 -19.02 14.22
CA LYS A 226 -22.97 -19.71 14.82
C LYS A 226 -22.89 -19.49 16.32
N ARG A 227 -23.19 -18.28 16.79
CA ARG A 227 -23.03 -17.94 18.20
C ARG A 227 -24.33 -18.25 18.92
N SER A 228 -24.29 -19.24 19.80
CA SER A 228 -25.48 -19.66 20.52
C SER A 228 -25.69 -18.80 21.76
N THR A 229 -26.95 -18.70 22.19
CA THR A 229 -27.24 -17.95 23.41
C THR A 229 -26.47 -18.52 24.60
N LEU A 230 -26.42 -19.84 24.71
CA LEU A 230 -25.63 -20.53 25.74
C LEU A 230 -24.61 -21.39 25.02
N ARG A 231 -23.33 -21.22 25.38
CA ARG A 231 -22.30 -22.04 24.76
C ARG A 231 -21.34 -22.52 25.83
N LYS A 232 -20.82 -23.72 25.61
CA LYS A 232 -19.99 -24.43 26.58
C LYS A 232 -18.51 -24.21 26.25
N LEU A 233 -17.73 -23.84 27.25
CA LEU A 233 -16.27 -23.77 27.11
C LEU A 233 -15.71 -25.18 27.04
N LYS A 234 -14.93 -25.47 25.99
CA LYS A 234 -14.32 -26.77 25.78
C LYS A 234 -12.83 -26.59 25.52
N PRO A 235 -11.99 -27.51 25.99
CA PRO A 235 -10.54 -27.39 25.73
C PRO A 235 -10.22 -27.19 24.25
N GLU A 236 -10.94 -27.87 23.36
CA GLU A 236 -10.63 -27.84 21.93
C GLU A 236 -10.87 -26.46 21.33
N SER A 237 -11.69 -25.62 21.96
CA SER A 237 -12.03 -24.32 21.39
C SER A 237 -12.06 -23.21 22.45
N MET A 238 -11.34 -23.39 23.56
CA MET A 238 -11.51 -22.47 24.69
C MET A 238 -11.09 -21.06 24.35
N TYR A 239 -10.00 -20.90 23.58
CA TYR A 239 -9.53 -19.54 23.32
C TYR A 239 -10.37 -18.88 22.24
N GLU A 240 -10.80 -19.66 21.24
CA GLU A 240 -11.75 -19.12 20.26
C GLU A 240 -12.97 -18.55 20.97
N THR A 241 -13.56 -19.35 21.87
CA THR A 241 -14.74 -18.91 22.59
C THR A 241 -14.42 -17.70 23.46
N TRP A 242 -13.33 -17.77 24.22
CA TRP A 242 -13.02 -16.70 25.16
C TRP A 242 -12.67 -15.40 24.43
N GLU A 243 -12.03 -15.50 23.25
CA GLU A 243 -11.70 -14.30 22.50
C GLU A 243 -12.91 -13.64 21.85
N ASP A 244 -14.04 -14.33 21.77
CA ASP A 244 -15.25 -13.81 21.13
C ASP A 244 -16.16 -13.13 22.16
N ASP A 245 -15.63 -12.10 22.79
CA ASP A 245 -16.39 -11.37 23.79
C ASP A 245 -17.35 -10.38 23.14
N LEU A 246 -18.37 -10.00 23.90
CA LEU A 246 -19.36 -9.03 23.46
C LEU A 246 -19.09 -7.75 24.23
N ASP A 247 -18.50 -6.76 23.57
CA ASP A 247 -18.15 -5.50 24.20
C ASP A 247 -17.30 -5.70 25.46
N GLY A 248 -16.32 -6.61 25.38
CA GLY A 248 -15.37 -6.82 26.46
C GLY A 248 -15.92 -7.49 27.70
N ILE A 249 -17.04 -8.17 27.57
CA ILE A 249 -17.77 -8.78 28.68
C ILE A 249 -18.09 -10.22 28.35
N HIS A 250 -17.87 -11.11 29.31
CA HIS A 250 -18.45 -12.44 29.26
C HIS A 250 -19.32 -12.63 30.49
N ILE A 251 -20.49 -13.22 30.29
CA ILE A 251 -21.25 -13.80 31.38
C ILE A 251 -20.78 -15.25 31.48
N VAL A 252 -20.31 -15.63 32.65
CA VAL A 252 -19.69 -16.93 32.89
C VAL A 252 -20.49 -17.64 33.95
N ALA A 253 -20.96 -18.84 33.63
CA ALA A 253 -21.71 -19.65 34.59
C ALA A 253 -20.88 -20.90 34.87
N PHE A 254 -20.60 -21.14 36.15
CA PHE A 254 -19.92 -22.35 36.58
C PHE A 254 -20.94 -23.36 37.09
N ALA A 255 -20.91 -24.57 36.54
CA ALA A 255 -21.82 -25.62 36.98
C ALA A 255 -21.21 -26.97 36.64
N GLU A 256 -21.11 -27.85 37.63
CA GLU A 256 -20.60 -29.20 37.43
C GLU A 256 -21.80 -30.07 37.07
N GLU A 257 -21.84 -30.52 35.82
CA GLU A 257 -23.05 -31.14 35.29
C GLU A 257 -23.46 -32.37 36.12
N THR A 258 -22.48 -33.15 36.57
CA THR A 258 -22.77 -34.41 37.27
C THR A 258 -23.18 -34.21 38.73
N ASP A 259 -22.88 -33.05 39.33
CA ASP A 259 -23.22 -32.76 40.71
C ASP A 259 -24.68 -32.32 40.85
N PRO A 260 -25.41 -32.83 41.84
CA PRO A 260 -26.84 -32.49 41.93
C PRO A 260 -27.13 -31.00 41.98
N ASP A 261 -26.30 -30.21 42.67
CA ASP A 261 -26.52 -28.77 42.72
C ASP A 261 -26.17 -28.11 41.38
N GLY A 262 -25.08 -28.56 40.75
CA GLY A 262 -24.76 -28.04 39.43
C GLY A 262 -25.80 -28.38 38.40
N TYR A 263 -26.31 -29.61 38.43
CA TYR A 263 -27.36 -29.99 37.49
C TYR A 263 -28.57 -29.11 37.69
N GLU A 264 -28.98 -28.91 38.95
CA GLU A 264 -30.16 -28.11 39.20
C GLU A 264 -29.97 -26.69 38.66
N PHE A 265 -28.80 -26.11 38.88
CA PHE A 265 -28.56 -24.77 38.36
C PHE A 265 -28.46 -24.76 36.85
N LEU A 266 -27.80 -25.78 36.28
CA LEU A 266 -27.65 -25.84 34.84
C LEU A 266 -29.01 -25.98 34.18
N GLU A 267 -29.93 -26.74 34.79
CA GLU A 267 -31.27 -26.84 34.23
C GLU A 267 -31.98 -25.49 34.22
N THR A 268 -31.81 -24.69 35.28
CA THR A 268 -32.38 -23.34 35.27
C THR A 268 -31.74 -22.48 34.19
N LEU A 269 -30.42 -22.57 34.04
CA LEU A 269 -29.72 -21.82 33.01
C LEU A 269 -30.22 -22.16 31.62
N LYS A 270 -30.36 -23.46 31.33
CA LYS A 270 -30.88 -23.89 30.03
C LYS A 270 -32.28 -23.34 29.79
N ALA A 271 -33.16 -23.41 30.80
CA ALA A 271 -34.52 -22.90 30.63
C ALA A 271 -34.54 -21.41 30.33
N VAL A 272 -33.68 -20.64 31.00
CA VAL A 272 -33.61 -19.20 30.76
C VAL A 272 -33.06 -18.92 29.36
N ALA A 273 -32.03 -19.64 28.96
CA ALA A 273 -31.48 -19.45 27.63
C ALA A 273 -32.53 -19.72 26.56
N GLN A 274 -33.34 -20.77 26.73
CA GLN A 274 -34.33 -21.10 25.72
C GLN A 274 -35.40 -20.01 25.59
N ASP A 275 -35.86 -19.47 26.72
CA ASP A 275 -36.88 -18.43 26.68
C ASP A 275 -36.35 -17.09 26.14
N ASN A 276 -35.03 -16.89 26.11
CA ASN A 276 -34.43 -15.64 25.66
C ASN A 276 -33.46 -15.86 24.50
N THR A 277 -33.66 -16.93 23.73
CA THR A 277 -32.69 -17.33 22.73
C THR A 277 -32.57 -16.32 21.59
N ASP A 278 -33.57 -15.46 21.42
CA ASP A 278 -33.57 -14.47 20.35
C ASP A 278 -33.04 -13.11 20.78
N ASN A 279 -32.63 -12.95 22.04
CA ASN A 279 -31.99 -11.71 22.45
C ASN A 279 -30.57 -11.67 21.90
N PRO A 280 -30.28 -10.87 20.87
CA PRO A 280 -28.94 -10.90 20.26
C PRO A 280 -27.83 -10.41 21.18
N ASP A 281 -28.16 -9.73 22.29
CA ASP A 281 -27.13 -9.23 23.19
C ASP A 281 -26.79 -10.22 24.29
N LEU A 282 -27.49 -11.35 24.38
CA LEU A 282 -27.29 -12.33 25.44
C LEU A 282 -26.41 -13.48 24.95
N SER A 283 -25.25 -13.65 25.58
CA SER A 283 -24.36 -14.76 25.31
C SER A 283 -23.75 -15.22 26.62
N ILE A 284 -24.02 -16.46 27.01
CA ILE A 284 -23.59 -17.01 28.29
C ILE A 284 -22.61 -18.13 28.01
N ILE A 285 -21.48 -18.10 28.70
CA ILE A 285 -20.50 -19.19 28.64
C ILE A 285 -20.67 -20.05 29.88
N TRP A 286 -20.95 -21.32 29.65
CA TRP A 286 -20.99 -22.34 30.71
C TRP A 286 -19.64 -23.03 30.76
N ILE A 287 -19.00 -22.97 31.91
CA ILE A 287 -17.75 -23.69 32.17
C ILE A 287 -18.06 -24.76 33.18
N ASP A 288 -17.82 -26.01 32.82
CA ASP A 288 -17.90 -27.08 33.79
C ASP A 288 -16.52 -27.27 34.42
N PRO A 289 -16.35 -27.00 35.73
CA PRO A 289 -15.00 -27.08 36.33
C PRO A 289 -14.30 -28.41 36.15
N ASP A 290 -15.03 -29.53 36.02
CA ASP A 290 -14.38 -30.84 35.86
C ASP A 290 -13.62 -30.93 34.54
N ASP A 291 -13.88 -30.02 33.59
CA ASP A 291 -13.15 -30.03 32.32
C ASP A 291 -11.85 -29.24 32.37
N PHE A 292 -11.63 -28.43 33.42
CA PHE A 292 -10.44 -27.58 33.51
C PHE A 292 -9.88 -27.64 34.93
N PRO A 293 -9.55 -28.84 35.42
CA PRO A 293 -9.04 -28.97 36.79
C PRO A 293 -7.82 -28.09 37.08
N LEU A 294 -6.92 -27.93 36.13
CA LEU A 294 -5.71 -27.16 36.39
C LEU A 294 -6.00 -25.68 36.55
N LEU A 295 -7.18 -25.22 36.12
CA LEU A 295 -7.56 -23.82 36.26
C LEU A 295 -8.47 -23.55 37.43
N VAL A 296 -9.00 -24.57 38.10
CA VAL A 296 -9.99 -24.33 39.15
C VAL A 296 -9.41 -23.48 40.28
N PRO A 297 -8.26 -23.81 40.88
CA PRO A 297 -7.72 -22.95 41.94
C PRO A 297 -7.46 -21.53 41.47
N TYR A 298 -6.96 -21.37 40.26
CA TYR A 298 -6.74 -20.04 39.73
C TYR A 298 -8.05 -19.26 39.63
N TRP A 299 -9.11 -19.92 39.14
CA TRP A 299 -10.40 -19.25 39.05
C TRP A 299 -10.96 -18.90 40.43
N GLU A 300 -10.84 -19.81 41.41
CA GLU A 300 -11.35 -19.52 42.74
C GLU A 300 -10.63 -18.31 43.34
N LYS A 301 -9.32 -18.23 43.16
CA LYS A 301 -8.57 -17.09 43.68
C LYS A 301 -8.89 -15.80 42.93
N THR A 302 -8.89 -15.85 41.61
CA THR A 302 -9.07 -14.64 40.81
C THR A 302 -10.45 -14.05 40.99
N PHE A 303 -11.49 -14.90 40.99
CA PHE A 303 -12.86 -14.42 41.10
C PHE A 303 -13.39 -14.42 42.53
N ASN A 304 -12.67 -15.05 43.46
CA ASN A 304 -13.08 -15.08 44.86
C ASN A 304 -14.42 -15.78 45.04
N ILE A 305 -14.53 -17.00 44.51
CA ILE A 305 -15.75 -17.78 44.57
C ILE A 305 -15.39 -19.23 44.87
N ASP A 306 -16.38 -19.96 45.37
CA ASP A 306 -16.22 -21.37 45.70
C ASP A 306 -16.82 -22.18 44.56
N LEU A 307 -15.96 -22.84 43.78
CA LEU A 307 -16.41 -23.57 42.60
C LEU A 307 -16.90 -24.97 42.90
N SER A 308 -16.93 -25.37 44.16
CA SER A 308 -17.71 -26.55 44.50
C SER A 308 -19.22 -26.29 44.49
N ALA A 309 -19.65 -25.03 44.28
CA ALA A 309 -21.03 -24.66 44.11
C ALA A 309 -21.25 -23.90 42.79
N PRO A 310 -22.48 -23.87 42.28
CA PRO A 310 -22.76 -23.10 41.06
C PRO A 310 -22.54 -21.61 41.26
N GLN A 311 -22.10 -20.96 40.18
CA GLN A 311 -21.84 -19.54 40.19
C GLN A 311 -22.19 -18.96 38.83
N ILE A 312 -22.53 -17.67 38.81
CA ILE A 312 -22.68 -16.96 37.55
C ILE A 312 -22.23 -15.53 37.81
N GLY A 313 -21.52 -14.98 36.84
CA GLY A 313 -21.00 -13.63 36.97
C GLY A 313 -20.71 -12.95 35.65
N VAL A 314 -20.25 -11.71 35.77
CA VAL A 314 -19.85 -10.86 34.66
C VAL A 314 -18.34 -10.69 34.76
N VAL A 315 -17.67 -10.99 33.67
CA VAL A 315 -16.20 -11.00 33.57
C VAL A 315 -15.69 -9.94 32.60
N ASN A 316 -14.78 -9.11 33.12
CA ASN A 316 -14.07 -8.05 32.40
C ASN A 316 -12.80 -8.72 31.90
N VAL A 317 -12.77 -8.93 30.58
CA VAL A 317 -11.65 -9.64 29.99
C VAL A 317 -10.34 -8.86 30.05
N THR A 318 -10.34 -7.53 29.95
CA THR A 318 -9.05 -6.85 30.02
C THR A 318 -8.33 -7.05 31.35
N ASP A 319 -8.97 -6.68 32.46
CA ASP A 319 -8.37 -6.75 33.79
C ASP A 319 -8.78 -7.98 34.59
N ALA A 320 -9.59 -8.85 34.00
CA ALA A 320 -10.15 -10.01 34.68
C ALA A 320 -10.73 -9.61 36.04
N ASP A 321 -11.77 -8.78 35.95
CA ASP A 321 -12.45 -8.19 37.09
C ASP A 321 -13.81 -8.85 37.04
N SER A 322 -14.50 -8.92 38.16
CA SER A 322 -15.74 -9.67 38.07
C SER A 322 -16.71 -9.28 39.15
N VAL A 323 -17.97 -9.60 38.88
CA VAL A 323 -19.03 -9.50 39.86
C VAL A 323 -19.87 -10.76 39.70
N TRP A 324 -20.33 -11.29 40.82
CA TRP A 324 -20.96 -12.61 40.88
C TRP A 324 -22.32 -12.53 41.55
N MET A 325 -23.28 -13.28 41.03
CA MET A 325 -24.56 -13.36 41.71
C MET A 325 -24.33 -13.89 43.11
N GLU A 326 -24.98 -13.26 44.08
CA GLU A 326 -24.77 -13.61 45.48
C GLU A 326 -25.68 -14.77 45.86
N MET A 327 -25.06 -15.92 46.11
CA MET A 327 -25.73 -17.14 46.53
C MET A 327 -25.10 -17.57 47.84
N ASP A 328 -25.93 -17.67 48.88
CA ASP A 328 -25.39 -18.00 50.20
C ASP A 328 -24.60 -19.31 50.14
N ASP A 329 -25.12 -20.30 49.42
CA ASP A 329 -24.49 -21.63 49.31
C ASP A 329 -25.11 -22.36 48.12
N GLU A 330 -24.72 -23.64 47.95
CA GLU A 330 -25.22 -24.45 46.84
C GLU A 330 -26.74 -24.60 46.83
N GLU A 331 -27.40 -24.45 47.97
CA GLU A 331 -28.85 -24.61 48.04
C GLU A 331 -29.59 -23.30 47.84
N ASP A 332 -28.87 -22.19 47.71
CA ASP A 332 -29.46 -20.87 47.48
C ASP A 332 -29.46 -20.53 45.99
N LEU A 333 -30.05 -21.41 45.21
CA LEU A 333 -30.02 -21.23 43.76
C LEU A 333 -31.18 -20.34 43.32
N PRO A 334 -30.97 -19.50 42.31
CA PRO A 334 -32.05 -18.64 41.81
C PRO A 334 -33.06 -19.38 40.95
N SER A 335 -34.30 -18.92 41.03
CA SER A 335 -35.33 -19.29 40.07
C SER A 335 -35.04 -18.70 38.69
N ALA A 336 -35.78 -19.21 37.70
CA ALA A 336 -35.69 -18.68 36.35
C ALA A 336 -35.97 -17.19 36.32
N GLU A 337 -37.01 -16.75 37.05
CA GLU A 337 -37.35 -15.33 37.06
C GLU A 337 -36.23 -14.49 37.69
N GLU A 338 -35.68 -14.97 38.80
CA GLU A 338 -34.57 -14.26 39.44
C GLU A 338 -33.35 -14.22 38.53
N LEU A 339 -33.08 -15.30 37.81
CA LEU A 339 -31.93 -15.33 36.90
C LEU A 339 -32.14 -14.40 35.71
N GLU A 340 -33.33 -14.40 35.10
CA GLU A 340 -33.65 -13.44 34.05
C GLU A 340 -33.41 -12.00 34.50
N ASP A 341 -33.97 -11.64 35.66
CA ASP A 341 -33.83 -10.26 36.12
C ASP A 341 -32.36 -9.92 36.32
N TRP A 342 -31.57 -10.88 36.81
CA TRP A 342 -30.16 -10.61 37.03
C TRP A 342 -29.47 -10.39 35.68
N LEU A 343 -29.84 -11.21 34.69
CA LEU A 343 -29.30 -11.06 33.34
C LEU A 343 -29.71 -9.69 32.78
N GLU A 344 -30.96 -9.28 32.99
CA GLU A 344 -31.42 -7.97 32.54
C GLU A 344 -30.48 -6.90 33.09
N ASP A 345 -30.14 -7.01 34.37
CA ASP A 345 -29.33 -6.01 35.04
C ASP A 345 -27.94 -5.95 34.40
N VAL A 346 -27.41 -7.08 33.96
CA VAL A 346 -26.07 -7.09 33.38
C VAL A 346 -26.10 -6.47 32.00
N LEU A 347 -27.22 -6.63 31.28
CA LEU A 347 -27.36 -6.17 29.91
C LEU A 347 -27.67 -4.68 29.92
N GLU A 348 -28.65 -4.25 30.71
CA GLU A 348 -28.91 -2.81 30.85
C GLU A 348 -27.81 -2.06 31.64
N GLY A 349 -26.66 -2.67 31.95
CA GLY A 349 -25.62 -2.04 32.74
C GLY A 349 -25.81 -1.93 34.24
N GLU A 350 -26.99 -2.21 34.78
CA GLU A 350 -27.17 -2.08 36.22
C GLU A 350 -26.13 -2.88 37.01
N ILE A 351 -25.65 -3.99 36.46
CA ILE A 351 -24.61 -4.81 37.08
C ILE A 351 -23.41 -4.87 36.16
N ASN A 352 -22.34 -4.15 36.49
CA ASN A 352 -21.10 -4.20 35.72
C ASN A 352 -19.89 -4.03 36.63
N THR A 353 -18.75 -4.53 36.14
CA THR A 353 -17.50 -4.51 36.89
C THR A 353 -16.98 -3.10 37.18
N GLU A 354 -17.43 -2.08 36.46
CA GLU A 354 -16.84 -0.75 36.61
C GLU A 354 -17.33 0.00 37.84
N ASP A 355 -18.46 -0.37 38.42
CA ASP A 355 -18.99 0.30 39.61
C ASP A 355 -17.96 0.31 40.74
N LEU B 4 1.68 30.59 2.95
CA LEU B 4 2.03 30.98 1.58
C LEU B 4 2.84 29.88 0.86
N ASP B 5 3.43 29.02 1.69
CA ASP B 5 4.47 28.06 1.37
C ASP B 5 4.05 26.72 1.98
N PHE B 6 4.92 25.72 1.87
CA PHE B 6 4.57 24.40 2.38
C PHE B 6 4.13 24.48 3.83
N PRO B 7 3.18 23.63 4.24
CA PRO B 7 2.64 23.71 5.59
C PRO B 7 3.64 23.22 6.61
N GLU B 8 3.57 23.81 7.80
CA GLU B 8 4.39 23.39 8.92
C GLU B 8 3.47 22.91 10.03
N TYR B 9 3.91 21.87 10.71
CA TYR B 9 3.08 21.24 11.73
C TYR B 9 2.74 22.26 12.81
N ASP B 10 1.46 22.37 13.17
CA ASP B 10 1.03 23.38 14.12
C ASP B 10 0.97 22.86 15.55
N GLY B 11 1.45 21.64 15.82
CA GLY B 11 1.52 21.15 17.18
C GLY B 11 0.24 20.55 17.72
N VAL B 12 -0.87 20.70 17.00
CA VAL B 12 -2.14 20.13 17.45
C VAL B 12 -2.12 18.62 17.29
N ASP B 13 -2.48 17.92 18.36
CA ASP B 13 -2.51 16.47 18.38
C ASP B 13 -3.77 15.97 17.69
N ARG B 14 -3.64 15.45 16.47
CA ARG B 14 -4.76 14.90 15.73
C ARG B 14 -4.68 13.40 15.55
N VAL B 15 -3.52 12.80 15.78
CA VAL B 15 -3.31 11.37 15.59
C VAL B 15 -3.13 10.74 16.97
N VAL B 16 -4.01 9.79 17.30
CA VAL B 16 -3.99 9.11 18.59
C VAL B 16 -3.94 7.61 18.39
N ASN B 17 -3.60 6.91 19.47
CA ASN B 17 -3.72 5.46 19.49
C ASN B 17 -5.19 5.05 19.41
N VAL B 18 -5.48 4.11 18.50
CA VAL B 18 -6.83 3.61 18.27
C VAL B 18 -6.95 2.26 18.96
N ASN B 19 -7.83 2.18 19.96
CA ASN B 19 -7.93 1.02 20.83
C ASN B 19 -9.38 0.64 21.03
N ALA B 20 -9.61 -0.43 21.79
CA ALA B 20 -10.96 -0.95 22.00
C ALA B 20 -11.91 0.08 22.60
N LYS B 21 -11.39 1.05 23.34
CA LYS B 21 -12.27 2.02 23.98
C LYS B 21 -12.79 3.06 22.99
N ASN B 22 -11.94 3.54 22.08
CA ASN B 22 -12.29 4.69 21.25
C ASN B 22 -12.50 4.36 19.78
N TYR B 23 -12.21 3.14 19.35
CA TYR B 23 -12.11 2.90 17.91
C TYR B 23 -13.44 3.16 17.20
N LYS B 24 -14.57 2.86 17.85
CA LYS B 24 -15.87 3.16 17.22
C LYS B 24 -16.08 4.66 17.08
N ASN B 25 -15.60 5.46 18.04
CA ASN B 25 -15.77 6.91 17.95
C ASN B 25 -14.85 7.50 16.89
N VAL B 26 -13.66 6.94 16.74
CA VAL B 26 -12.75 7.43 15.70
C VAL B 26 -13.33 7.16 14.32
N PHE B 27 -13.77 5.93 14.06
CA PHE B 27 -14.37 5.63 12.77
C PHE B 27 -15.55 6.55 12.47
N LYS B 28 -16.30 6.94 13.51
CA LYS B 28 -17.42 7.86 13.34
C LYS B 28 -16.96 9.29 13.12
N LYS B 29 -15.84 9.69 13.72
CA LYS B 29 -15.36 11.06 13.59
C LYS B 29 -14.89 11.39 12.17
N TYR B 30 -14.42 10.39 11.42
CA TYR B 30 -13.76 10.61 10.14
C TYR B 30 -14.45 9.80 9.04
N GLU B 31 -14.64 10.46 7.89
CA GLU B 31 -15.20 9.78 6.72
C GLU B 31 -14.22 8.78 6.13
N VAL B 32 -12.94 9.13 6.07
CA VAL B 32 -11.88 8.22 5.65
C VAL B 32 -10.85 8.17 6.76
N LEU B 33 -10.46 6.96 7.15
CA LEU B 33 -9.56 6.74 8.28
C LEU B 33 -8.39 5.88 7.81
N ALA B 34 -7.18 6.35 8.09
CA ALA B 34 -5.97 5.62 7.73
C ALA B 34 -5.25 5.21 9.01
N LEU B 35 -5.02 3.91 9.17
CA LEU B 35 -4.49 3.34 10.40
C LEU B 35 -3.14 2.71 10.13
N LEU B 36 -2.11 3.21 10.82
CA LEU B 36 -0.80 2.57 10.78
C LEU B 36 -0.81 1.38 11.73
N TYR B 37 -0.64 0.17 11.19
CA TYR B 37 -0.53 -1.03 12.00
C TYR B 37 0.96 -1.27 12.21
N HIS B 38 1.43 -1.13 13.45
CA HIS B 38 2.86 -1.09 13.76
C HIS B 38 3.13 -2.00 14.96
N GLU B 39 4.33 -2.58 14.99
CA GLU B 39 4.76 -3.27 16.20
C GLU B 39 5.02 -2.25 17.32
N PRO B 40 4.86 -2.66 18.58
CA PRO B 40 5.12 -1.74 19.71
C PRO B 40 6.55 -1.25 19.72
N PRO B 41 6.78 0.04 19.97
CA PRO B 41 8.16 0.55 19.98
C PRO B 41 8.97 -0.01 21.13
N GLU B 42 10.24 -0.32 20.86
CA GLU B 42 11.17 -0.72 21.90
C GLU B 42 11.41 0.43 22.89
N ASP B 43 11.99 0.09 24.04
CA ASP B 43 12.15 1.06 25.13
C ASP B 43 13.41 1.90 25.03
N ASP B 44 14.39 1.49 24.22
CA ASP B 44 15.61 2.27 24.05
C ASP B 44 15.30 3.65 23.44
N LYS B 45 16.21 4.60 23.66
CA LYS B 45 15.93 5.96 23.21
C LYS B 45 15.85 6.04 21.69
N ALA B 46 16.68 5.27 20.98
CA ALA B 46 16.65 5.30 19.52
C ALA B 46 15.29 4.85 19.00
N SER B 47 14.80 3.70 19.47
CA SER B 47 13.50 3.23 19.02
C SER B 47 12.39 4.18 19.45
N GLN B 48 12.52 4.80 20.62
CA GLN B 48 11.53 5.78 21.07
C GLN B 48 11.53 7.01 20.17
N ARG B 49 12.72 7.55 19.85
CA ARG B 49 12.80 8.73 19.00
C ARG B 49 12.21 8.44 17.63
N GLN B 50 12.55 7.28 17.06
CA GLN B 50 12.03 6.92 15.75
C GLN B 50 10.50 6.82 15.77
N PHE B 51 9.93 6.27 16.84
CA PHE B 51 8.47 6.20 16.96
C PHE B 51 7.84 7.58 17.04
N GLU B 52 8.46 8.51 17.78
CA GLU B 52 7.94 9.87 17.87
C GLU B 52 8.00 10.59 16.53
N MET B 53 9.07 10.37 15.79
CA MET B 53 9.24 11.00 14.49
C MET B 53 8.24 10.45 13.48
N ASP B 54 7.95 9.14 13.55
CA ASP B 54 6.93 8.55 12.70
C ASP B 54 5.56 9.15 12.96
N GLU B 55 5.21 9.35 14.23
CA GLU B 55 3.91 9.95 14.55
C GLU B 55 3.80 11.37 14.00
N LEU B 56 4.89 12.13 14.06
CA LEU B 56 4.90 13.48 13.51
C LEU B 56 4.59 13.47 12.00
N ILE B 57 5.07 12.46 11.28
CA ILE B 57 4.70 12.33 9.87
C ILE B 57 3.19 12.21 9.74
N LEU B 58 2.58 11.35 10.56
CA LEU B 58 1.14 11.20 10.53
C LEU B 58 0.44 12.49 10.95
N GLU B 59 1.00 13.18 11.95
CA GLU B 59 0.43 14.44 12.39
C GLU B 59 0.39 15.46 11.25
N LEU B 60 1.47 15.55 10.48
CA LEU B 60 1.50 16.52 9.38
C LEU B 60 0.48 16.16 8.31
N ALA B 61 0.42 14.90 7.92
CA ALA B 61 -0.58 14.48 6.93
C ALA B 61 -1.98 14.75 7.44
N ALA B 62 -2.21 14.49 8.74
CA ALA B 62 -3.53 14.72 9.31
C ALA B 62 -3.87 16.21 9.30
N GLN B 63 -2.90 17.05 9.62
CA GLN B 63 -3.12 18.49 9.52
C GLN B 63 -3.44 18.89 8.08
N VAL B 64 -2.66 18.39 7.12
CA VAL B 64 -2.81 18.81 5.74
C VAL B 64 -4.17 18.40 5.19
N LEU B 65 -4.64 17.22 5.59
CA LEU B 65 -5.86 16.63 5.05
C LEU B 65 -7.05 16.79 5.98
N GLU B 66 -6.95 17.64 6.99
CA GLU B 66 -8.01 17.77 7.97
C GLU B 66 -9.31 18.18 7.31
N ASP B 67 -9.26 19.21 6.46
CA ASP B 67 -10.45 19.75 5.83
C ASP B 67 -11.06 18.83 4.77
N LYS B 68 -10.45 17.69 4.47
CA LYS B 68 -10.99 16.75 3.49
C LYS B 68 -11.61 15.51 4.13
N GLY B 69 -11.82 15.52 5.44
CA GLY B 69 -12.50 14.41 6.07
C GLY B 69 -11.62 13.21 6.33
N VAL B 70 -10.31 13.39 6.27
CA VAL B 70 -9.39 12.29 6.50
C VAL B 70 -8.87 12.39 7.92
N GLY B 71 -8.78 11.24 8.59
CA GLY B 71 -8.15 11.16 9.88
C GLY B 71 -7.11 10.05 9.87
N PHE B 72 -6.17 10.16 10.78
CA PHE B 72 -5.13 9.17 10.94
C PHE B 72 -5.12 8.65 12.37
N GLY B 73 -4.78 7.37 12.51
CA GLY B 73 -4.65 6.75 13.81
C GLY B 73 -3.54 5.73 13.79
N MET B 74 -3.22 5.22 14.98
CA MET B 74 -2.16 4.26 15.15
C MET B 74 -2.68 3.09 15.98
N VAL B 75 -2.35 1.88 15.54
CA VAL B 75 -2.82 0.66 16.18
C VAL B 75 -1.59 -0.16 16.53
N ASP B 76 -1.38 -0.39 17.82
CA ASP B 76 -0.27 -1.21 18.28
C ASP B 76 -0.62 -2.68 18.04
N SER B 77 0.20 -3.38 17.27
CA SER B 77 -0.13 -4.74 16.85
C SER B 77 -0.16 -5.71 18.03
N GLU B 78 0.46 -5.35 19.15
CA GLU B 78 0.46 -6.17 20.36
C GLU B 78 -0.60 -5.71 21.36
N LYS B 79 -0.52 -4.46 21.82
CA LYS B 79 -1.48 -3.94 22.79
C LYS B 79 -2.92 -4.02 22.26
N ASP B 80 -3.12 -3.76 20.96
CA ASP B 80 -4.44 -3.68 20.35
C ASP B 80 -4.71 -4.83 19.38
N ALA B 81 -4.16 -6.02 19.66
CA ALA B 81 -4.26 -7.13 18.71
C ALA B 81 -5.72 -7.51 18.43
N ALA B 82 -6.56 -7.44 19.45
CA ALA B 82 -7.95 -7.83 19.28
C ALA B 82 -8.66 -6.86 18.34
N VAL B 83 -8.44 -5.56 18.55
CA VAL B 83 -9.03 -4.55 17.68
C VAL B 83 -8.48 -4.73 16.28
N ALA B 84 -7.18 -5.01 16.19
CA ALA B 84 -6.56 -5.24 14.89
C ALA B 84 -7.25 -6.38 14.15
N LYS B 85 -7.61 -7.44 14.89
CA LYS B 85 -8.27 -8.59 14.28
C LYS B 85 -9.65 -8.22 13.77
N LYS B 86 -10.44 -7.50 14.58
CA LYS B 86 -11.76 -7.08 14.13
C LYS B 86 -11.67 -6.23 12.87
N LEU B 87 -10.64 -5.37 12.79
CA LEU B 87 -10.49 -4.49 11.64
C LEU B 87 -9.76 -5.12 10.45
N GLY B 88 -9.17 -6.31 10.57
CA GLY B 88 -8.48 -6.90 9.44
C GLY B 88 -7.06 -6.45 9.25
N LEU B 89 -6.40 -5.96 10.30
CA LEU B 89 -5.02 -5.49 10.24
C LEU B 89 -4.05 -6.63 10.50
N THR B 90 -3.32 -7.06 9.47
CA THR B 90 -2.44 -8.21 9.58
C THR B 90 -0.97 -7.93 9.26
N GLU B 91 -0.64 -6.90 8.47
CA GLU B 91 0.75 -6.68 8.02
C GLU B 91 1.37 -5.49 8.74
N GLU B 92 2.35 -5.77 9.61
CA GLU B 92 2.99 -4.70 10.38
C GLU B 92 3.73 -3.74 9.45
N ASP B 93 3.68 -2.46 9.79
CA ASP B 93 4.29 -1.33 9.09
C ASP B 93 3.46 -0.90 7.88
N SER B 94 2.30 -1.51 7.64
CA SER B 94 1.38 -1.05 6.62
C SER B 94 0.35 -0.06 7.18
N VAL B 95 -0.13 0.82 6.31
CA VAL B 95 -1.21 1.75 6.61
C VAL B 95 -2.48 1.28 5.91
N TYR B 96 -3.55 1.07 6.69
CA TYR B 96 -4.82 0.59 6.18
C TYR B 96 -5.80 1.75 6.07
N VAL B 97 -6.31 2.00 4.86
CA VAL B 97 -7.16 3.15 4.58
C VAL B 97 -8.60 2.65 4.39
N PHE B 98 -9.52 3.14 5.21
CA PHE B 98 -10.92 2.71 5.18
C PHE B 98 -11.77 3.72 4.43
N LYS B 99 -12.24 3.32 3.25
CA LYS B 99 -13.15 4.13 2.43
C LYS B 99 -14.34 3.26 2.05
N GLY B 100 -15.53 3.70 2.43
CA GLY B 100 -16.76 2.95 2.18
C GLY B 100 -16.69 1.53 2.70
N ASP B 101 -16.98 0.56 1.83
CA ASP B 101 -16.94 -0.85 2.21
C ASP B 101 -15.63 -1.51 1.86
N GLU B 102 -14.64 -0.75 1.42
CA GLU B 102 -13.37 -1.32 0.97
C GLU B 102 -12.27 -0.96 1.95
N VAL B 103 -11.26 -1.83 2.05
CA VAL B 103 -10.08 -1.59 2.87
C VAL B 103 -8.82 -1.67 2.01
N ILE B 104 -8.15 -0.53 1.84
CA ILE B 104 -7.02 -0.39 0.92
C ILE B 104 -5.73 -0.36 1.74
N GLU B 105 -4.80 -1.26 1.43
CA GLU B 105 -3.52 -1.36 2.12
C GLU B 105 -2.47 -0.47 1.46
N TYR B 106 -1.87 0.43 2.23
CA TYR B 106 -0.73 1.22 1.77
C TYR B 106 0.56 0.64 2.36
N ASP B 107 1.51 0.29 1.48
CA ASP B 107 2.79 -0.32 1.89
C ASP B 107 3.92 0.32 1.06
N GLY B 108 4.06 1.64 1.17
CA GLY B 108 5.04 2.39 0.41
C GLY B 108 5.86 3.32 1.28
N GLU B 109 6.59 4.24 0.65
CA GLU B 109 7.47 5.13 1.40
C GLU B 109 6.68 5.82 2.50
N PHE B 110 7.24 5.78 3.70
CA PHE B 110 6.60 6.40 4.86
C PHE B 110 7.09 7.84 4.98
N SER B 111 6.40 8.73 4.27
CA SER B 111 6.72 10.15 4.23
C SER B 111 5.42 10.92 4.08
N ALA B 112 5.38 12.13 4.64
CA ALA B 112 4.14 12.88 4.66
C ALA B 112 3.65 13.21 3.26
N ASP B 113 4.57 13.63 2.38
CA ASP B 113 4.19 14.01 1.03
C ASP B 113 3.63 12.83 0.27
N THR B 114 4.31 11.68 0.34
CA THR B 114 3.84 10.49 -0.37
C THR B 114 2.52 9.99 0.20
N LEU B 115 2.35 10.06 1.53
CA LEU B 115 1.10 9.65 2.16
C LEU B 115 -0.06 10.52 1.70
N VAL B 116 0.14 11.83 1.68
CA VAL B 116 -0.94 12.74 1.30
C VAL B 116 -1.31 12.51 -0.16
N GLU B 117 -0.33 12.31 -1.03
CA GLU B 117 -0.65 12.03 -2.43
C GLU B 117 -1.49 10.76 -2.55
N PHE B 118 -1.15 9.72 -1.79
CA PHE B 118 -1.93 8.48 -1.83
C PHE B 118 -3.35 8.69 -1.35
N LEU B 119 -3.51 9.35 -0.20
CA LEU B 119 -4.84 9.57 0.33
C LEU B 119 -5.68 10.38 -0.64
N LEU B 120 -5.07 11.39 -1.27
CA LEU B 120 -5.75 12.16 -2.29
C LEU B 120 -6.18 11.30 -3.48
N ASP B 121 -5.39 10.29 -3.85
CA ASP B 121 -5.85 9.36 -4.88
C ASP B 121 -7.01 8.52 -4.40
N VAL B 122 -6.96 8.09 -3.14
CA VAL B 122 -8.04 7.30 -2.56
C VAL B 122 -9.35 8.06 -2.61
N LEU B 123 -9.32 9.37 -2.34
CA LEU B 123 -10.54 10.15 -2.28
C LEU B 123 -11.22 10.28 -3.65
N GLU B 124 -10.48 10.07 -4.74
CA GLU B 124 -11.08 10.17 -6.06
C GLU B 124 -11.96 8.95 -6.36
N ASP B 125 -12.83 9.12 -7.36
CA ASP B 125 -13.73 8.06 -7.79
C ASP B 125 -12.96 6.94 -8.50
N PRO B 126 -13.44 5.70 -8.40
CA PRO B 126 -12.70 4.56 -8.94
C PRO B 126 -12.83 4.36 -10.44
N VAL B 127 -13.69 5.12 -11.12
CA VAL B 127 -13.88 4.98 -12.57
C VAL B 127 -13.71 6.34 -13.22
N GLU B 128 -12.93 6.36 -14.30
CA GLU B 128 -12.70 7.56 -15.10
C GLU B 128 -13.37 7.35 -16.46
N LEU B 129 -14.11 8.35 -16.91
CA LEU B 129 -14.83 8.26 -18.19
C LEU B 129 -13.91 8.67 -19.35
N ILE B 130 -14.22 8.14 -20.54
CA ILE B 130 -13.49 8.46 -21.75
C ILE B 130 -14.47 8.94 -22.82
N GLU B 131 -14.30 10.17 -23.27
CA GLU B 131 -15.12 10.75 -24.32
C GLU B 131 -14.26 11.61 -25.22
N GLY B 132 -14.36 11.41 -26.53
CA GLY B 132 -13.58 12.18 -27.47
C GLY B 132 -12.18 11.63 -27.71
N GLU B 133 -11.54 12.24 -28.70
CA GLU B 133 -10.26 11.73 -29.21
C GLU B 133 -9.14 11.97 -28.22
N ARG B 134 -9.11 13.16 -27.61
CA ARG B 134 -8.03 13.50 -26.69
C ARG B 134 -8.08 12.67 -25.41
N GLU B 135 -9.28 12.45 -24.87
CA GLU B 135 -9.39 11.62 -23.68
C GLU B 135 -8.95 10.19 -23.98
N LEU B 136 -9.28 9.69 -25.17
CA LEU B 136 -8.83 8.37 -25.58
C LEU B 136 -7.31 8.32 -25.65
N GLN B 137 -6.70 9.37 -26.18
CA GLN B 137 -5.23 9.42 -26.22
C GLN B 137 -4.63 9.42 -24.82
N ALA B 138 -5.26 10.15 -23.88
CA ALA B 138 -4.80 10.12 -22.50
C ALA B 138 -4.82 8.69 -21.95
N PHE B 139 -5.86 7.92 -22.28
CA PHE B 139 -5.92 6.54 -21.84
C PHE B 139 -4.75 5.73 -22.40
N GLU B 140 -4.48 5.87 -23.70
CA GLU B 140 -3.42 5.09 -24.32
C GLU B 140 -2.04 5.48 -23.81
N ASN B 141 -1.85 6.71 -23.32
CA ASN B 141 -0.55 7.09 -22.80
C ASN B 141 -0.20 6.38 -21.51
N ILE B 142 -1.18 5.80 -20.83
CA ILE B 142 -0.91 5.09 -19.59
C ILE B 142 -0.29 3.75 -19.95
N GLU B 143 0.92 3.48 -19.45
CA GLU B 143 1.51 2.16 -19.64
C GLU B 143 2.23 1.59 -18.43
N ASP B 144 2.66 2.39 -17.45
CA ASP B 144 3.40 1.85 -16.31
C ASP B 144 2.50 1.21 -15.26
N ASP B 145 1.18 1.19 -15.49
CA ASP B 145 0.21 0.51 -14.63
C ASP B 145 -0.67 -0.38 -15.49
N ASN B 146 -1.10 -1.50 -14.92
CA ASN B 146 -2.28 -2.18 -15.44
C ASN B 146 -3.48 -1.24 -15.45
N LYS B 147 -4.30 -1.38 -16.49
CA LYS B 147 -5.51 -0.59 -16.65
C LYS B 147 -6.56 -1.43 -17.34
N LEU B 148 -7.82 -1.10 -17.08
CA LEU B 148 -8.95 -1.72 -17.73
C LEU B 148 -9.79 -0.65 -18.41
N ILE B 149 -10.45 -1.04 -19.49
CA ILE B 149 -11.45 -0.17 -20.12
C ILE B 149 -12.61 -1.05 -20.58
N GLY B 150 -13.82 -0.60 -20.31
CA GLY B 150 -15.01 -1.32 -20.72
C GLY B 150 -15.94 -0.37 -21.43
N TYR B 151 -16.74 -0.93 -22.32
CA TYR B 151 -17.70 -0.15 -23.08
C TYR B 151 -19.11 -0.52 -22.62
N PHE B 152 -19.85 0.49 -22.15
CA PHE B 152 -21.20 0.26 -21.67
C PHE B 152 -22.11 1.32 -22.28
N LYS B 153 -23.41 1.08 -22.17
CA LYS B 153 -24.39 2.00 -22.74
C LYS B 153 -24.39 3.35 -22.02
N ASN B 154 -24.44 3.34 -20.69
CA ASN B 154 -24.49 4.57 -19.91
C ASN B 154 -24.29 4.23 -18.43
N LYS B 155 -24.34 5.26 -17.59
CA LYS B 155 -24.03 5.10 -16.17
C LYS B 155 -25.08 4.27 -15.42
N ASP B 156 -26.27 4.13 -15.96
CA ASP B 156 -27.33 3.33 -15.31
C ASP B 156 -27.29 1.86 -15.70
N SER B 157 -26.45 1.47 -16.65
CA SER B 157 -26.35 0.06 -17.02
C SER B 157 -25.96 -0.79 -15.82
N GLU B 158 -26.70 -1.88 -15.60
CA GLU B 158 -26.35 -2.83 -14.55
C GLU B 158 -24.94 -3.38 -14.72
N HIS B 159 -24.46 -3.44 -15.96
CA HIS B 159 -23.13 -3.97 -16.23
C HIS B 159 -22.04 -2.97 -15.89
N TYR B 160 -22.30 -1.68 -16.10
CA TYR B 160 -21.39 -0.63 -15.63
C TYR B 160 -21.29 -0.61 -14.11
N LYS B 161 -22.42 -0.77 -13.42
CA LYS B 161 -22.39 -0.74 -11.96
C LYS B 161 -21.63 -1.94 -11.41
N ALA B 162 -21.77 -3.09 -12.04
CA ALA B 162 -20.95 -4.23 -11.65
C ALA B 162 -19.50 -3.90 -11.87
N TYR B 163 -19.20 -3.22 -12.98
CA TYR B 163 -17.84 -2.80 -13.28
C TYR B 163 -17.33 -1.82 -12.23
N GLU B 164 -18.17 -0.83 -11.87
CA GLU B 164 -17.78 0.12 -10.84
C GLU B 164 -17.56 -0.55 -9.49
N ASP B 165 -18.41 -1.52 -9.13
CA ASP B 165 -18.23 -2.22 -7.85
C ASP B 165 -16.91 -2.98 -7.84
N ALA B 166 -16.54 -3.58 -8.98
CA ALA B 166 -15.25 -4.26 -9.05
C ALA B 166 -14.10 -3.25 -8.96
N ALA B 167 -14.25 -2.08 -9.58
CA ALA B 167 -13.19 -1.08 -9.52
C ALA B 167 -12.90 -0.67 -8.08
N GLU B 168 -13.93 -0.62 -7.24
CA GLU B 168 -13.75 -0.22 -5.85
C GLU B 168 -12.82 -1.18 -5.12
N GLU B 169 -12.83 -2.44 -5.53
CA GLU B 169 -12.04 -3.47 -4.87
C GLU B 169 -10.54 -3.24 -5.04
N PHE B 170 -10.12 -2.64 -6.16
CA PHE B 170 -8.71 -2.45 -6.50
C PHE B 170 -8.24 -1.01 -6.42
N HIS B 171 -9.10 -0.11 -5.98
CA HIS B 171 -8.80 1.32 -5.85
C HIS B 171 -7.67 1.59 -4.83
N PRO B 172 -6.72 2.48 -5.16
CA PRO B 172 -6.45 3.29 -6.36
C PRO B 172 -5.36 2.72 -7.25
N TYR B 173 -5.09 1.43 -7.15
CA TYR B 173 -3.91 0.87 -7.78
C TYR B 173 -4.13 0.55 -9.26
N ILE B 174 -5.32 0.12 -9.62
CA ILE B 174 -5.62 -0.29 -10.98
C ILE B 174 -6.74 0.60 -11.50
N PRO B 175 -6.42 1.60 -12.32
CA PRO B 175 -7.46 2.52 -12.79
C PRO B 175 -8.44 1.77 -13.68
N PHE B 176 -9.72 1.98 -13.43
CA PHE B 176 -10.75 1.40 -14.27
C PHE B 176 -11.29 2.54 -15.13
N PHE B 177 -11.28 2.30 -16.43
CA PHE B 177 -11.83 3.25 -17.38
C PHE B 177 -13.09 2.66 -18.00
N ALA B 178 -14.00 3.55 -18.36
CA ALA B 178 -15.24 3.18 -19.02
C ALA B 178 -15.50 4.19 -20.12
N THR B 179 -16.11 3.74 -21.19
CA THR B 179 -16.57 4.66 -22.21
C THR B 179 -18.01 4.33 -22.53
N PHE B 180 -18.79 5.37 -22.79
CA PHE B 180 -20.11 5.25 -23.36
C PHE B 180 -20.13 5.74 -24.80
N ASP B 181 -18.96 6.04 -25.35
CA ASP B 181 -18.82 6.68 -26.65
C ASP B 181 -18.52 5.60 -27.68
N SER B 182 -19.50 5.35 -28.56
CA SER B 182 -19.37 4.33 -29.59
C SER B 182 -18.20 4.61 -30.52
N LYS B 183 -17.82 5.89 -30.64
CA LYS B 183 -16.70 6.25 -31.49
C LYS B 183 -15.38 5.83 -30.85
N VAL B 184 -15.27 6.02 -29.53
CA VAL B 184 -14.12 5.53 -28.76
C VAL B 184 -14.07 4.01 -28.83
N ALA B 185 -15.22 3.37 -28.63
CA ALA B 185 -15.31 1.91 -28.63
C ALA B 185 -14.79 1.31 -29.93
N LYS B 186 -15.05 1.96 -31.06
CA LYS B 186 -14.58 1.43 -32.33
C LYS B 186 -13.06 1.36 -32.42
N LYS B 187 -12.35 2.42 -32.01
CA LYS B 187 -10.89 2.35 -32.02
C LYS B 187 -10.35 1.29 -31.09
N LEU B 188 -11.02 1.06 -29.97
CA LEU B 188 -10.61 0.06 -29.00
C LEU B 188 -11.02 -1.37 -29.35
N THR B 189 -11.84 -1.57 -30.38
CA THR B 189 -12.38 -2.91 -30.72
C THR B 189 -13.19 -3.46 -29.56
N LEU B 190 -13.88 -2.59 -28.83
CA LEU B 190 -14.74 -2.99 -27.72
C LEU B 190 -16.18 -3.15 -28.16
N LYS B 191 -16.70 -4.37 -28.08
CA LYS B 191 -18.13 -4.57 -28.27
C LYS B 191 -18.87 -4.18 -26.99
N LEU B 192 -20.17 -3.94 -27.12
CA LEU B 192 -20.93 -3.44 -25.98
C LEU B 192 -20.84 -4.42 -24.81
N ASN B 193 -20.48 -3.91 -23.63
CA ASN B 193 -20.31 -4.66 -22.39
C ASN B 193 -19.05 -5.51 -22.37
N GLU B 194 -18.19 -5.44 -23.37
CA GLU B 194 -16.87 -6.06 -23.31
C GLU B 194 -15.93 -5.21 -22.48
N ILE B 195 -14.97 -5.88 -21.85
CA ILE B 195 -13.96 -5.22 -21.03
C ILE B 195 -12.60 -5.73 -21.51
N ASP B 196 -11.70 -4.80 -21.84
CA ASP B 196 -10.35 -5.14 -22.24
C ASP B 196 -9.42 -4.80 -21.09
N PHE B 197 -8.52 -5.73 -20.77
CA PHE B 197 -7.48 -5.54 -19.76
C PHE B 197 -6.14 -5.32 -20.45
N TYR B 198 -5.51 -4.17 -20.20
CA TYR B 198 -4.19 -3.85 -20.75
C TYR B 198 -3.13 -4.07 -19.66
N GLU B 199 -2.39 -5.16 -19.78
CA GLU B 199 -1.26 -5.41 -18.88
C GLU B 199 -0.24 -4.29 -19.02
N ALA B 200 0.39 -3.93 -17.90
CA ALA B 200 1.41 -2.89 -17.92
C ALA B 200 2.44 -3.11 -19.02
N PHE B 201 2.72 -2.04 -19.77
CA PHE B 201 3.75 -1.98 -20.81
C PHE B 201 3.42 -2.82 -22.04
N MET B 202 2.24 -3.45 -22.11
CA MET B 202 1.84 -4.22 -23.27
C MET B 202 1.03 -3.37 -24.24
N GLU B 203 1.18 -3.66 -25.55
CA GLU B 203 0.37 -2.99 -26.55
C GLU B 203 -0.98 -3.66 -26.72
N GLU B 204 -1.02 -4.99 -26.69
CA GLU B 204 -2.25 -5.71 -27.00
C GLU B 204 -2.98 -6.10 -25.73
N PRO B 205 -4.28 -5.79 -25.63
CA PRO B 205 -5.05 -6.14 -24.43
C PRO B 205 -5.53 -7.58 -24.41
N VAL B 206 -6.06 -7.96 -23.25
CA VAL B 206 -6.75 -9.24 -23.06
C VAL B 206 -8.20 -8.91 -22.75
N THR B 207 -9.11 -9.45 -23.56
CA THR B 207 -10.53 -9.22 -23.37
C THR B 207 -11.05 -10.15 -22.28
N ILE B 208 -11.81 -9.59 -21.35
CA ILE B 208 -12.39 -10.44 -20.29
C ILE B 208 -13.42 -11.37 -20.92
N PRO B 209 -13.36 -12.68 -20.69
CA PRO B 209 -14.28 -13.59 -21.36
C PRO B 209 -15.70 -13.51 -20.80
N ASP B 210 -16.64 -13.96 -21.62
CA ASP B 210 -18.01 -14.23 -21.16
C ASP B 210 -18.75 -12.95 -20.80
N LYS B 211 -18.63 -11.92 -21.64
CA LYS B 211 -19.38 -10.71 -21.37
C LYS B 211 -20.88 -10.95 -21.59
N PRO B 212 -21.75 -10.19 -20.90
CA PRO B 212 -21.45 -9.15 -19.89
C PRO B 212 -20.80 -9.74 -18.64
N ASN B 213 -19.93 -8.99 -17.97
CA ASN B 213 -19.15 -9.53 -16.87
C ASN B 213 -19.74 -9.05 -15.55
N SER B 214 -19.82 -9.95 -14.57
CA SER B 214 -20.23 -9.59 -13.22
C SER B 214 -19.06 -9.04 -12.43
N GLU B 215 -19.37 -8.42 -11.29
CA GLU B 215 -18.33 -7.96 -10.37
C GLU B 215 -17.37 -9.10 -10.04
N GLU B 216 -17.90 -10.27 -9.69
CA GLU B 216 -17.04 -11.37 -9.28
C GLU B 216 -16.14 -11.82 -10.42
N GLU B 217 -16.67 -11.86 -11.64
CA GLU B 217 -15.87 -12.24 -12.80
C GLU B 217 -14.76 -11.23 -13.05
N ILE B 218 -15.04 -9.93 -12.86
CA ILE B 218 -14.03 -8.90 -13.07
C ILE B 218 -12.95 -9.01 -11.99
N VAL B 219 -13.36 -9.10 -10.72
CA VAL B 219 -12.39 -9.17 -9.63
C VAL B 219 -11.49 -10.39 -9.84
N SER B 220 -12.10 -11.54 -10.12
CA SER B 220 -11.32 -12.76 -10.29
C SER B 220 -10.38 -12.67 -11.49
N PHE B 221 -10.83 -12.06 -12.59
CA PHE B 221 -9.97 -11.87 -13.76
C PHE B 221 -8.78 -11.00 -13.40
N VAL B 222 -9.03 -9.86 -12.75
CA VAL B 222 -7.96 -8.92 -12.42
C VAL B 222 -6.98 -9.57 -11.46
N GLU B 223 -7.48 -10.33 -10.49
CA GLU B 223 -6.60 -11.03 -9.55
C GLU B 223 -5.66 -11.97 -10.28
N ALA B 224 -6.13 -12.62 -11.33
CA ALA B 224 -5.32 -13.58 -12.08
C ALA B 224 -4.30 -12.91 -13.00
N HIS B 225 -4.53 -11.67 -13.40
CA HIS B 225 -3.62 -10.93 -14.28
C HIS B 225 -2.86 -9.83 -13.54
N LYS B 226 -2.95 -9.82 -12.21
CA LYS B 226 -2.41 -8.72 -11.42
C LYS B 226 -0.90 -8.51 -11.61
N ARG B 227 -0.11 -9.57 -11.71
CA ARG B 227 1.35 -9.43 -11.77
C ARG B 227 1.79 -9.31 -13.23
N SER B 228 2.29 -8.14 -13.61
CA SER B 228 2.71 -7.93 -14.99
C SER B 228 4.14 -8.44 -15.19
N THR B 229 4.44 -8.82 -16.44
CA THR B 229 5.79 -9.26 -16.75
C THR B 229 6.80 -8.17 -16.41
N LEU B 230 6.49 -6.92 -16.74
CA LEU B 230 7.33 -5.78 -16.40
C LEU B 230 6.52 -4.85 -15.49
N ARG B 231 7.07 -4.52 -14.33
CA ARG B 231 6.41 -3.62 -13.40
C ARG B 231 7.39 -2.61 -12.85
N LYS B 232 6.90 -1.41 -12.60
CA LYS B 232 7.73 -0.27 -12.20
C LYS B 232 7.71 -0.10 -10.68
N LEU B 233 8.90 0.07 -10.09
CA LEU B 233 8.99 0.42 -8.68
C LEU B 233 8.59 1.87 -8.43
N LYS B 234 7.63 2.09 -7.53
CA LYS B 234 7.17 3.42 -7.20
C LYS B 234 7.19 3.66 -5.69
N PRO B 235 7.54 4.86 -5.23
CA PRO B 235 7.53 5.11 -3.78
C PRO B 235 6.22 4.72 -3.11
N GLU B 236 5.10 4.97 -3.78
CA GLU B 236 3.80 4.72 -3.16
C GLU B 236 3.55 3.25 -2.91
N SER B 237 4.26 2.36 -3.61
CA SER B 237 4.03 0.92 -3.50
C SER B 237 5.35 0.14 -3.49
N MET B 238 6.46 0.80 -3.14
CA MET B 238 7.78 0.20 -3.34
C MET B 238 7.97 -1.07 -2.50
N TYR B 239 7.47 -1.08 -1.27
CA TYR B 239 7.70 -2.25 -0.41
C TYR B 239 6.77 -3.40 -0.77
N GLU B 240 5.54 -3.09 -1.15
CA GLU B 240 4.63 -4.11 -1.66
C GLU B 240 5.27 -4.87 -2.81
N THR B 241 5.81 -4.15 -3.80
CA THR B 241 6.43 -4.80 -4.95
C THR B 241 7.64 -5.61 -4.51
N TRP B 242 8.49 -5.02 -3.68
CA TRP B 242 9.73 -5.67 -3.27
C TRP B 242 9.48 -6.90 -2.40
N GLU B 243 8.41 -6.90 -1.59
CA GLU B 243 8.12 -8.06 -0.77
C GLU B 243 7.56 -9.22 -1.59
N ASP B 244 7.13 -8.96 -2.82
CA ASP B 244 6.55 -9.96 -3.71
C ASP B 244 7.63 -10.55 -4.60
N ASP B 245 8.62 -11.17 -3.97
CA ASP B 245 9.70 -11.72 -4.78
C ASP B 245 9.27 -13.02 -5.42
N LEU B 246 9.98 -13.37 -6.49
CA LEU B 246 9.76 -14.59 -7.24
C LEU B 246 10.92 -15.51 -6.87
N ASP B 247 10.60 -16.49 -6.04
CA ASP B 247 11.58 -17.44 -5.51
C ASP B 247 12.73 -16.69 -4.85
N GLY B 248 12.40 -15.63 -4.12
CA GLY B 248 13.42 -14.91 -3.37
C GLY B 248 14.34 -14.16 -4.31
N ILE B 249 13.88 -13.95 -5.53
CA ILE B 249 14.66 -13.35 -6.61
C ILE B 249 13.86 -12.23 -7.23
N HIS B 250 14.53 -11.11 -7.47
CA HIS B 250 14.01 -10.05 -8.32
C HIS B 250 14.96 -9.85 -9.50
N ILE B 251 14.38 -9.68 -10.68
CA ILE B 251 15.09 -9.10 -11.80
C ILE B 251 14.87 -7.60 -11.73
N VAL B 252 15.96 -6.86 -11.65
CA VAL B 252 15.92 -5.41 -11.43
C VAL B 252 16.59 -4.72 -12.60
N ALA B 253 15.87 -3.82 -13.27
CA ALA B 253 16.41 -3.05 -14.37
C ALA B 253 16.43 -1.58 -13.97
N PHE B 254 17.60 -0.96 -14.05
CA PHE B 254 17.75 0.47 -13.81
C PHE B 254 17.80 1.21 -15.15
N ALA B 255 16.92 2.19 -15.31
CA ALA B 255 16.93 2.99 -16.53
C ALA B 255 16.27 4.32 -16.23
N GLU B 256 16.96 5.41 -16.54
CA GLU B 256 16.42 6.75 -16.38
C GLU B 256 15.70 7.09 -17.69
N GLU B 257 14.37 7.18 -17.61
CA GLU B 257 13.55 7.25 -18.81
C GLU B 257 13.95 8.46 -19.68
N THR B 258 14.27 9.59 -19.04
CA THR B 258 14.53 10.81 -19.78
C THR B 258 15.91 10.84 -20.42
N ASP B 259 16.86 10.00 -19.96
CA ASP B 259 18.19 9.98 -20.54
C ASP B 259 18.20 9.17 -21.83
N PRO B 260 18.85 9.65 -22.90
CA PRO B 260 18.79 8.91 -24.17
C PRO B 260 19.23 7.47 -24.06
N ASP B 261 20.25 7.18 -23.25
CA ASP B 261 20.70 5.81 -23.08
C ASP B 261 19.71 5.00 -22.26
N GLY B 262 19.13 5.59 -21.20
CA GLY B 262 18.11 4.87 -20.44
C GLY B 262 16.87 4.56 -21.26
N TYR B 263 16.41 5.52 -22.05
CA TYR B 263 15.25 5.28 -22.92
C TYR B 263 15.52 4.15 -23.90
N GLU B 264 16.69 4.16 -24.54
CA GLU B 264 17.00 3.14 -25.53
C GLU B 264 16.98 1.76 -24.88
N PHE B 265 17.56 1.62 -23.69
CA PHE B 265 17.54 0.34 -23.00
C PHE B 265 16.13 -0.05 -22.55
N LEU B 266 15.37 0.93 -22.07
CA LEU B 266 14.00 0.63 -21.61
C LEU B 266 13.13 0.14 -22.74
N GLU B 267 13.31 0.69 -23.94
CA GLU B 267 12.55 0.23 -25.10
C GLU B 267 12.84 -1.22 -25.39
N THR B 268 14.11 -1.62 -25.27
CA THR B 268 14.49 -3.02 -25.43
C THR B 268 13.79 -3.90 -24.39
N LEU B 269 13.75 -3.43 -23.14
CA LEU B 269 13.06 -4.18 -22.09
C LEU B 269 11.60 -4.40 -22.43
N LYS B 270 10.91 -3.35 -22.88
CA LYS B 270 9.50 -3.50 -23.26
C LYS B 270 9.32 -4.53 -24.35
N ALA B 271 10.18 -4.49 -25.37
CA ALA B 271 10.06 -5.47 -26.46
C ALA B 271 10.27 -6.88 -25.93
N VAL B 272 11.20 -7.05 -25.00
CA VAL B 272 11.44 -8.37 -24.41
C VAL B 272 10.25 -8.80 -23.55
N ALA B 273 9.71 -7.88 -22.76
CA ALA B 273 8.54 -8.22 -21.95
C ALA B 273 7.37 -8.64 -22.82
N GLN B 274 7.13 -7.93 -23.92
CA GLN B 274 5.97 -8.26 -24.76
C GLN B 274 6.12 -9.64 -25.39
N ASP B 275 7.33 -9.97 -25.88
CA ASP B 275 7.53 -11.29 -26.49
C ASP B 275 7.51 -12.42 -25.47
N ASN B 276 7.69 -12.13 -24.19
CA ASN B 276 7.71 -13.16 -23.15
C ASN B 276 6.67 -12.88 -22.08
N THR B 277 5.60 -12.17 -22.42
CA THR B 277 4.65 -11.71 -21.42
C THR B 277 3.90 -12.87 -20.77
N ASP B 278 3.86 -14.03 -21.43
CA ASP B 278 3.15 -15.20 -20.94
C ASP B 278 4.03 -16.18 -20.17
N ASN B 279 5.32 -15.91 -20.04
CA ASN B 279 6.19 -16.74 -19.22
C ASN B 279 5.89 -16.46 -17.75
N PRO B 280 5.23 -17.35 -17.02
CA PRO B 280 4.84 -17.03 -15.64
C PRO B 280 6.00 -16.87 -14.67
N ASP B 281 7.21 -17.30 -15.04
CA ASP B 281 8.37 -17.18 -14.17
C ASP B 281 9.12 -15.88 -14.39
N LEU B 282 8.71 -15.07 -15.36
CA LEU B 282 9.40 -13.83 -15.70
C LEU B 282 8.67 -12.67 -15.04
N SER B 283 9.37 -11.97 -14.14
CA SER B 283 8.87 -10.77 -13.50
C SER B 283 10.03 -9.80 -13.38
N ILE B 284 9.91 -8.65 -14.04
CA ILE B 284 10.99 -7.67 -14.10
C ILE B 284 10.52 -6.41 -13.37
N ILE B 285 11.38 -5.90 -12.49
CA ILE B 285 11.16 -4.62 -11.83
C ILE B 285 12.03 -3.57 -12.51
N TRP B 286 11.39 -2.55 -13.04
CA TRP B 286 12.08 -1.38 -13.60
C TRP B 286 12.15 -0.30 -12.52
N ILE B 287 13.37 0.12 -12.20
CA ILE B 287 13.61 1.24 -11.28
C ILE B 287 14.21 2.40 -12.06
N ASP B 288 13.53 3.54 -12.03
CA ASP B 288 14.10 4.78 -12.57
C ASP B 288 14.84 5.48 -11.43
N PRO B 289 16.16 5.63 -11.50
CA PRO B 289 16.88 6.25 -10.37
C PRO B 289 16.38 7.63 -9.96
N ASP B 290 15.80 8.41 -10.88
CA ASP B 290 15.31 9.75 -10.54
C ASP B 290 14.14 9.73 -9.57
N ASP B 291 13.49 8.59 -9.39
CA ASP B 291 12.38 8.49 -8.46
C ASP B 291 12.82 8.18 -7.03
N PHE B 292 14.08 7.79 -6.83
CA PHE B 292 14.59 7.41 -5.51
C PHE B 292 15.97 8.03 -5.33
N PRO B 293 16.07 9.35 -5.44
CA PRO B 293 17.39 10.00 -5.33
C PRO B 293 18.14 9.67 -4.04
N LEU B 294 17.43 9.54 -2.92
CA LEU B 294 18.10 9.30 -1.65
C LEU B 294 18.70 7.90 -1.56
N LEU B 295 18.30 6.98 -2.44
CA LEU B 295 18.85 5.62 -2.42
C LEU B 295 19.94 5.40 -3.45
N VAL B 296 20.18 6.32 -4.38
CA VAL B 296 21.14 6.08 -5.45
C VAL B 296 22.54 5.81 -4.93
N PRO B 297 23.13 6.66 -4.07
CA PRO B 297 24.47 6.32 -3.57
C PRO B 297 24.51 5.00 -2.81
N TYR B 298 23.48 4.72 -2.02
CA TYR B 298 23.40 3.46 -1.31
C TYR B 298 23.33 2.27 -2.28
N TRP B 299 22.52 2.37 -3.33
CA TRP B 299 22.44 1.29 -4.32
C TRP B 299 23.75 1.09 -5.06
N GLU B 300 24.41 2.19 -5.44
CA GLU B 300 25.67 2.10 -6.17
C GLU B 300 26.73 1.37 -5.35
N LYS B 301 26.79 1.65 -4.05
CA LYS B 301 27.76 0.97 -3.20
C LYS B 301 27.40 -0.49 -3.03
N THR B 302 26.13 -0.78 -2.74
CA THR B 302 25.72 -2.15 -2.45
C THR B 302 25.83 -3.07 -3.67
N PHE B 303 25.39 -2.61 -4.85
CA PHE B 303 25.41 -3.45 -6.03
C PHE B 303 26.67 -3.25 -6.88
N ASN B 304 27.46 -2.23 -6.58
CA ASN B 304 28.72 -1.98 -7.31
C ASN B 304 28.48 -1.70 -8.79
N ILE B 305 27.59 -0.73 -9.08
CA ILE B 305 27.26 -0.35 -10.45
C ILE B 305 27.13 1.17 -10.53
N ASP B 306 27.24 1.68 -11.74
CA ASP B 306 27.12 3.11 -12.02
C ASP B 306 25.71 3.35 -12.58
N LEU B 307 24.86 4.02 -11.79
CA LEU B 307 23.47 4.22 -12.18
C LEU B 307 23.25 5.42 -13.09
N SER B 308 24.31 6.14 -13.50
CA SER B 308 24.18 7.07 -14.61
C SER B 308 24.09 6.37 -15.96
N ALA B 309 24.23 5.04 -16.01
CA ALA B 309 24.02 4.26 -17.22
C ALA B 309 22.99 3.16 -16.97
N PRO B 310 22.35 2.65 -18.02
CA PRO B 310 21.40 1.53 -17.83
C PRO B 310 22.07 0.28 -17.28
N GLN B 311 21.31 -0.45 -16.47
CA GLN B 311 21.77 -1.68 -15.84
C GLN B 311 20.63 -2.68 -15.74
N ILE B 312 20.98 -3.96 -15.70
CA ILE B 312 20.00 -5.01 -15.39
C ILE B 312 20.74 -6.10 -14.64
N GLY B 313 20.08 -6.66 -13.61
CA GLY B 313 20.67 -7.70 -12.78
C GLY B 313 19.68 -8.58 -12.06
N VAL B 314 20.23 -9.54 -11.31
CA VAL B 314 19.47 -10.48 -10.47
C VAL B 314 19.79 -10.15 -9.02
N VAL B 315 18.75 -9.93 -8.23
CA VAL B 315 18.84 -9.48 -6.83
C VAL B 315 18.33 -10.52 -5.82
N ASN B 316 19.19 -10.84 -4.83
CA ASN B 316 18.94 -11.74 -3.69
C ASN B 316 18.44 -10.86 -2.55
N VAL B 317 17.15 -11.00 -2.26
CA VAL B 317 16.52 -10.17 -1.25
C VAL B 317 17.03 -10.48 0.17
N THR B 318 17.39 -11.72 0.50
CA THR B 318 17.87 -11.94 1.86
C THR B 318 19.13 -11.15 2.19
N ASP B 319 20.20 -11.35 1.42
CA ASP B 319 21.50 -10.72 1.64
C ASP B 319 21.77 -9.52 0.75
N ALA B 320 20.84 -9.14 -0.11
CA ALA B 320 21.03 -8.09 -1.09
C ALA B 320 22.35 -8.32 -1.83
N ASP B 321 22.33 -9.42 -2.58
CA ASP B 321 23.46 -9.93 -3.32
C ASP B 321 23.04 -9.74 -4.76
N SER B 322 24.01 -9.62 -5.67
CA SER B 322 23.56 -9.34 -7.01
C SER B 322 24.59 -9.74 -8.05
N VAL B 323 24.08 -9.92 -9.27
CA VAL B 323 24.93 -10.11 -10.44
C VAL B 323 24.33 -9.25 -11.53
N TRP B 324 25.21 -8.63 -12.32
CA TRP B 324 24.79 -7.62 -13.27
C TRP B 324 25.33 -7.95 -14.65
N MET B 325 24.51 -7.72 -15.66
CA MET B 325 25.00 -7.88 -17.02
C MET B 325 26.16 -6.92 -17.21
N GLU B 326 27.25 -7.41 -17.80
CA GLU B 326 28.46 -6.60 -17.97
C GLU B 326 28.33 -5.78 -19.24
N MET B 327 28.23 -4.46 -19.06
CA MET B 327 28.14 -3.49 -20.15
C MET B 327 29.28 -2.49 -20.03
N ASP B 328 30.11 -2.40 -21.07
CA ASP B 328 31.27 -1.53 -21.02
C ASP B 328 30.90 -0.09 -20.67
N ASP B 329 29.81 0.41 -21.26
CA ASP B 329 29.39 1.79 -21.02
C ASP B 329 27.94 1.93 -21.48
N GLU B 330 27.43 3.16 -21.45
CA GLU B 330 26.04 3.41 -21.83
C GLU B 330 25.74 3.01 -23.28
N GLU B 331 26.76 2.94 -24.13
CA GLU B 331 26.57 2.59 -25.54
C GLU B 331 26.74 1.10 -25.83
N ASP B 332 27.11 0.30 -24.83
CA ASP B 332 27.27 -1.14 -24.99
C ASP B 332 26.01 -1.87 -24.51
N LEU B 333 24.87 -1.47 -25.08
CA LEU B 333 23.57 -1.99 -24.66
C LEU B 333 23.24 -3.28 -25.41
N PRO B 334 22.57 -4.23 -24.76
CA PRO B 334 22.20 -5.47 -25.44
C PRO B 334 21.00 -5.29 -26.35
N SER B 335 21.02 -6.04 -27.44
CA SER B 335 19.86 -6.25 -28.28
C SER B 335 18.78 -7.05 -27.56
N ALA B 336 17.58 -7.05 -28.14
CA ALA B 336 16.49 -7.88 -27.61
C ALA B 336 16.93 -9.34 -27.52
N GLU B 337 17.61 -9.83 -28.57
CA GLU B 337 18.06 -11.22 -28.59
C GLU B 337 19.06 -11.50 -27.48
N GLU B 338 20.03 -10.59 -27.31
CA GLU B 338 21.00 -10.73 -26.25
C GLU B 338 20.37 -10.67 -24.87
N LEU B 339 19.38 -9.80 -24.69
CA LEU B 339 18.73 -9.71 -23.39
C LEU B 339 17.91 -10.95 -23.08
N GLU B 340 17.14 -11.45 -24.05
CA GLU B 340 16.44 -12.72 -23.88
C GLU B 340 17.40 -13.84 -23.48
N ASP B 341 18.49 -14.01 -24.24
CA ASP B 341 19.40 -15.10 -23.93
C ASP B 341 19.95 -14.93 -22.52
N TRP B 342 20.21 -13.70 -22.11
CA TRP B 342 20.72 -13.45 -20.77
C TRP B 342 19.64 -13.81 -19.76
N LEU B 343 18.39 -13.46 -20.08
CA LEU B 343 17.23 -13.77 -19.26
C LEU B 343 17.03 -15.28 -19.12
N GLU B 344 17.20 -16.03 -20.22
CA GLU B 344 17.08 -17.49 -20.17
C GLU B 344 18.01 -18.04 -19.10
N ASP B 345 19.24 -17.52 -19.06
CA ASP B 345 20.26 -18.00 -18.14
C ASP B 345 19.84 -17.79 -16.69
N VAL B 346 19.13 -16.69 -16.40
CA VAL B 346 18.73 -16.35 -15.03
C VAL B 346 17.61 -17.27 -14.55
N LEU B 347 16.75 -17.74 -15.46
CA LEU B 347 15.59 -18.57 -15.12
C LEU B 347 16.04 -20.01 -14.91
N GLU B 348 16.80 -20.55 -15.86
CA GLU B 348 17.39 -21.89 -15.77
C GLU B 348 18.52 -21.99 -14.70
N GLY B 349 18.75 -21.00 -13.84
CA GLY B 349 19.83 -21.02 -12.87
C GLY B 349 21.24 -20.79 -13.40
N GLU B 350 21.47 -20.81 -14.72
CA GLU B 350 22.81 -20.59 -15.22
C GLU B 350 23.41 -19.31 -14.66
N ILE B 351 22.58 -18.30 -14.40
CA ILE B 351 23.00 -17.06 -13.77
C ILE B 351 22.23 -16.97 -12.45
N ASN B 352 22.92 -17.22 -11.34
CA ASN B 352 22.29 -17.17 -10.03
C ASN B 352 23.26 -16.59 -9.00
N THR B 353 22.71 -15.97 -7.96
CA THR B 353 23.53 -15.38 -6.92
C THR B 353 24.27 -16.45 -6.12
N GLU B 354 23.77 -17.68 -6.10
CA GLU B 354 24.37 -18.76 -5.34
C GLU B 354 25.50 -19.42 -6.12
N GLY C 3 19.11 -4.43 2.96
CA GLY C 3 18.89 -3.03 3.27
C GLY C 3 17.72 -2.45 2.52
N LEU C 4 17.98 -1.77 1.39
CA LEU C 4 16.89 -1.16 0.61
C LEU C 4 16.20 -0.07 1.42
N ASP C 5 16.96 0.67 2.20
CA ASP C 5 16.40 1.54 3.23
C ASP C 5 16.96 2.94 3.10
N PHE C 6 16.03 3.89 3.21
CA PHE C 6 16.35 5.29 3.08
C PHE C 6 17.42 5.61 4.11
N PRO C 7 18.34 6.52 3.81
CA PRO C 7 19.40 6.79 4.77
C PRO C 7 18.81 7.59 5.92
N GLU C 8 19.35 7.35 7.11
CA GLU C 8 18.98 8.10 8.30
C GLU C 8 20.24 8.80 8.80
N TYR C 9 20.06 10.02 9.30
CA TYR C 9 21.22 10.80 9.72
C TYR C 9 21.98 10.05 10.81
N ASP C 10 23.28 9.92 10.63
CA ASP C 10 24.13 9.15 11.53
C ASP C 10 24.78 9.98 12.62
N GLY C 11 24.39 11.26 12.75
CA GLY C 11 24.91 12.09 13.80
C GLY C 11 26.24 12.75 13.53
N VAL C 12 26.93 12.37 12.45
CA VAL C 12 28.21 12.98 12.14
C VAL C 12 27.97 14.41 11.66
N ASP C 13 28.68 15.36 12.27
CA ASP C 13 28.56 16.77 11.92
C ASP C 13 29.38 17.02 10.66
N ARG C 14 28.69 17.18 9.52
CA ARG C 14 29.36 17.45 8.26
C ARG C 14 29.08 18.85 7.73
N VAL C 15 28.08 19.55 8.27
CA VAL C 15 27.69 20.88 7.81
C VAL C 15 28.06 21.88 8.88
N VAL C 16 28.92 22.85 8.52
CA VAL C 16 29.38 23.86 9.46
C VAL C 16 29.13 25.23 8.86
N ASN C 17 29.21 26.25 9.73
CA ASN C 17 29.22 27.64 9.29
C ASN C 17 30.49 27.97 8.52
N VAL C 18 30.32 28.59 7.36
CA VAL C 18 31.43 28.97 6.49
C VAL C 18 31.68 30.47 6.65
N ASN C 19 32.87 30.82 7.14
CA ASN C 19 33.20 32.19 7.54
C ASN C 19 34.58 32.54 7.00
N ALA C 20 35.01 33.78 7.27
CA ALA C 20 36.27 34.26 6.73
C ALA C 20 37.44 33.37 7.13
N LYS C 21 37.34 32.67 8.25
CA LYS C 21 38.45 31.84 8.71
C LYS C 21 38.58 30.56 7.91
N ASN C 22 37.46 29.90 7.58
CA ASN C 22 37.52 28.55 7.04
C ASN C 22 37.12 28.45 5.57
N TYR C 23 36.61 29.51 4.96
CA TYR C 23 35.94 29.36 3.67
C TYR C 23 36.88 28.83 2.59
N LYS C 24 38.16 29.25 2.62
CA LYS C 24 39.11 28.71 1.65
C LYS C 24 39.36 27.22 1.87
N ASN C 25 39.36 26.79 3.13
CA ASN C 25 39.61 25.38 3.44
C ASN C 25 38.43 24.50 3.06
N VAL C 26 37.21 24.99 3.21
CA VAL C 26 36.05 24.20 2.84
C VAL C 26 36.00 23.94 1.34
N PHE C 27 36.17 25.00 0.54
CA PHE C 27 36.18 24.85 -0.91
C PHE C 27 37.20 23.85 -1.41
N LYS C 28 38.36 23.78 -0.74
CA LYS C 28 39.38 22.83 -1.15
C LYS C 28 39.05 21.41 -0.69
N LYS C 29 38.34 21.26 0.44
CA LYS C 29 38.03 19.93 0.97
C LYS C 29 37.05 19.18 0.05
N TYR C 30 36.23 19.89 -0.69
CA TYR C 30 35.13 19.31 -1.45
C TYR C 30 35.28 19.69 -2.91
N GLU C 31 35.06 18.70 -3.78
CA GLU C 31 35.09 18.96 -5.22
C GLU C 31 33.91 19.82 -5.65
N VAL C 32 32.73 19.56 -5.09
CA VAL C 32 31.56 20.38 -5.30
C VAL C 32 31.07 20.81 -3.92
N LEU C 33 30.82 22.11 -3.76
CA LEU C 33 30.45 22.69 -2.48
C LEU C 33 29.16 23.48 -2.66
N ALA C 34 28.18 23.22 -1.80
CA ALA C 34 26.91 23.92 -1.82
C ALA C 34 26.76 24.74 -0.55
N LEU C 35 26.55 26.04 -0.70
CA LEU C 35 26.54 26.98 0.42
C LEU C 35 25.15 27.59 0.50
N LEU C 36 24.48 27.37 1.64
CA LEU C 36 23.22 28.03 1.94
C LEU C 36 23.47 29.45 2.44
N TYR C 37 22.99 30.44 1.69
CA TYR C 37 23.07 31.84 2.10
C TYR C 37 21.78 32.23 2.82
N HIS C 38 21.86 32.49 4.13
CA HIS C 38 20.69 32.68 4.96
C HIS C 38 20.86 33.89 5.87
N GLU C 39 19.75 34.56 6.16
CA GLU C 39 19.75 35.59 7.20
C GLU C 39 19.90 34.96 8.59
N PRO C 40 20.48 35.69 9.54
CA PRO C 40 20.65 35.13 10.91
C PRO C 40 19.31 34.77 11.54
N PRO C 41 19.20 33.61 12.19
CA PRO C 41 17.93 33.21 12.80
C PRO C 41 17.57 34.10 13.99
N GLU C 42 16.27 34.40 14.11
CA GLU C 42 15.77 35.12 15.26
C GLU C 42 15.96 34.31 16.55
N ASP C 43 15.81 34.99 17.69
CA ASP C 43 16.12 34.42 19.00
C ASP C 43 14.96 33.65 19.64
N ASP C 44 13.73 33.84 19.16
CA ASP C 44 12.57 33.12 19.69
C ASP C 44 12.71 31.61 19.48
N LYS C 45 11.98 30.82 20.28
CA LYS C 45 12.15 29.37 20.24
C LYS C 45 11.75 28.80 18.89
N ALA C 46 10.70 29.34 18.26
CA ALA C 46 10.28 28.82 16.98
C ALA C 46 11.36 28.99 15.92
N SER C 47 11.92 30.21 15.82
CA SER C 47 12.98 30.44 14.84
C SER C 47 14.23 29.62 15.14
N GLN C 48 14.57 29.40 16.41
CA GLN C 48 15.73 28.57 16.72
C GLN C 48 15.50 27.12 16.29
N ARG C 49 14.32 26.57 16.64
CA ARG C 49 14.01 25.19 16.27
C ARG C 49 13.99 25.03 14.76
N GLN C 50 13.36 25.97 14.06
CA GLN C 50 13.28 25.94 12.62
C GLN C 50 14.68 25.95 11.99
N PHE C 51 15.58 26.75 12.53
CA PHE C 51 16.96 26.79 12.05
C PHE C 51 17.68 25.46 12.21
N GLU C 52 17.47 24.79 13.35
CA GLU C 52 18.10 23.49 13.57
C GLU C 52 17.60 22.46 12.57
N MET C 53 16.32 22.51 12.23
CA MET C 53 15.76 21.55 11.28
C MET C 53 16.31 21.79 9.88
N ASP C 54 16.54 23.04 9.51
CA ASP C 54 17.16 23.32 8.21
C ASP C 54 18.57 22.74 8.12
N GLU C 55 19.36 22.89 9.17
CA GLU C 55 20.72 22.35 9.17
C GLU C 55 20.71 20.82 9.06
N LEU C 56 19.78 20.16 9.75
CA LEU C 56 19.66 18.71 9.68
C LEU C 56 19.39 18.21 8.27
N ILE C 57 18.59 18.95 7.50
CA ILE C 57 18.36 18.58 6.10
C ILE C 57 19.69 18.53 5.35
N LEU C 58 20.52 19.56 5.53
CA LEU C 58 21.82 19.59 4.88
C LEU C 58 22.70 18.45 5.36
N GLU C 59 22.64 18.14 6.65
CA GLU C 59 23.44 17.03 7.17
C GLU C 59 23.10 15.73 6.45
N LEU C 60 21.81 15.46 6.24
CA LEU C 60 21.42 14.23 5.57
C LEU C 60 21.94 14.21 4.13
N ALA C 61 21.75 15.31 3.42
CA ALA C 61 22.26 15.40 2.05
C ALA C 61 23.77 15.21 2.03
N ALA C 62 24.46 15.80 3.00
CA ALA C 62 25.92 15.68 3.04
C ALA C 62 26.32 14.23 3.29
N GLN C 63 25.60 13.55 4.19
CA GLN C 63 25.84 12.12 4.40
C GLN C 63 25.61 11.32 3.12
N VAL C 64 24.50 11.57 2.43
CA VAL C 64 24.13 10.76 1.28
C VAL C 64 25.16 10.93 0.16
N LEU C 65 25.66 12.14 -0.02
CA LEU C 65 26.55 12.46 -1.13
C LEU C 65 28.01 12.55 -0.71
N GLU C 66 28.33 12.09 0.50
CA GLU C 66 29.69 12.24 1.01
C GLU C 66 30.69 11.54 0.09
N ASP C 67 30.39 10.30 -0.29
CA ASP C 67 31.31 9.51 -1.10
C ASP C 67 31.38 10.00 -2.54
N LYS C 68 30.60 11.01 -2.91
CA LYS C 68 30.63 11.59 -4.25
C LYS C 68 31.32 12.94 -4.27
N GLY C 69 32.01 13.32 -3.19
CA GLY C 69 32.78 14.54 -3.20
C GLY C 69 31.98 15.79 -2.96
N VAL C 70 30.76 15.67 -2.44
CA VAL C 70 29.90 16.82 -2.19
C VAL C 70 29.99 17.20 -0.73
N GLY C 71 30.07 18.50 -0.47
CA GLY C 71 29.98 19.02 0.88
C GLY C 71 28.94 20.12 0.93
N PHE C 72 28.45 20.37 2.14
CA PHE C 72 27.48 21.42 2.38
C PHE C 72 27.98 22.39 3.45
N GLY C 73 27.63 23.66 3.30
CA GLY C 73 27.97 24.67 4.27
C GLY C 73 26.87 25.71 4.38
N MET C 74 27.02 26.58 5.37
CA MET C 74 26.04 27.63 5.65
C MET C 74 26.74 28.97 5.81
N VAL C 75 26.18 30.01 5.20
CA VAL C 75 26.76 31.35 5.22
C VAL C 75 25.73 32.32 5.76
N ASP C 76 26.03 32.93 6.91
CA ASP C 76 25.17 33.93 7.52
C ASP C 76 25.29 35.28 6.80
N SER C 77 24.16 35.79 6.29
CA SER C 77 24.20 36.99 5.45
C SER C 77 24.64 38.22 6.24
N GLU C 78 24.57 38.17 7.57
CA GLU C 78 25.01 39.26 8.44
C GLU C 78 26.42 39.02 8.99
N LYS C 79 26.60 37.92 9.73
CA LYS C 79 27.91 37.62 10.31
C LYS C 79 28.97 37.48 9.22
N ASP C 80 28.61 36.87 8.10
CA ASP C 80 29.57 36.57 7.04
C ASP C 80 29.32 37.41 5.80
N ALA C 81 28.88 38.66 5.99
CA ALA C 81 28.49 39.48 4.86
C ALA C 81 29.68 39.70 3.94
N ALA C 82 30.87 39.85 4.51
CA ALA C 82 32.05 40.12 3.70
C ALA C 82 32.41 38.91 2.85
N VAL C 83 32.43 37.71 3.46
CA VAL C 83 32.70 36.50 2.70
C VAL C 83 31.60 36.23 1.67
N ALA C 84 30.35 36.42 2.06
CA ALA C 84 29.24 36.18 1.13
C ALA C 84 29.35 37.02 -0.14
N LYS C 85 29.73 38.28 0.00
CA LYS C 85 29.86 39.15 -1.17
C LYS C 85 31.00 38.67 -2.06
N LYS C 86 32.15 38.32 -1.45
CA LYS C 86 33.27 37.81 -2.22
C LYS C 86 32.89 36.58 -3.02
N LEU C 87 32.07 35.71 -2.45
CA LEU C 87 31.68 34.50 -3.16
C LEU C 87 30.50 34.72 -4.10
N GLY C 88 29.86 35.88 -4.06
CA GLY C 88 28.73 36.14 -4.93
C GLY C 88 27.40 35.65 -4.43
N LEU C 89 27.27 35.45 -3.12
CA LEU C 89 26.02 35.00 -2.51
C LEU C 89 25.19 36.24 -2.20
N THR C 90 24.11 36.46 -2.96
CA THR C 90 23.32 37.67 -2.81
C THR C 90 21.85 37.44 -2.47
N GLU C 91 21.29 36.26 -2.78
CA GLU C 91 19.86 36.03 -2.61
C GLU C 91 19.63 35.12 -1.42
N GLU C 92 19.06 35.67 -0.35
CA GLU C 92 18.84 34.88 0.85
C GLU C 92 17.85 33.77 0.57
N ASP C 93 18.09 32.61 1.20
CA ASP C 93 17.34 31.38 1.09
C ASP C 93 17.68 30.61 -0.18
N SER C 94 18.62 31.08 -0.99
CA SER C 94 19.11 30.30 -2.12
C SER C 94 20.32 29.47 -1.70
N VAL C 95 20.50 28.34 -2.37
CA VAL C 95 21.68 27.49 -2.20
C VAL C 95 22.56 27.65 -3.43
N TYR C 96 23.82 28.02 -3.22
CA TYR C 96 24.75 28.25 -4.31
C TYR C 96 25.69 27.06 -4.42
N VAL C 97 25.70 26.41 -5.59
CA VAL C 97 26.47 25.17 -5.80
C VAL C 97 27.67 25.52 -6.67
N PHE C 98 28.87 25.24 -6.16
CA PHE C 98 30.10 25.59 -6.84
C PHE C 98 30.67 24.36 -7.54
N LYS C 99 30.61 24.36 -8.87
CA LYS C 99 31.19 23.31 -9.69
C LYS C 99 32.07 23.95 -10.75
N GLY C 100 33.34 23.60 -10.76
CA GLY C 100 34.31 24.18 -11.68
C GLY C 100 34.35 25.69 -11.61
N ASP C 101 34.18 26.35 -12.75
CA ASP C 101 34.20 27.81 -12.83
C ASP C 101 32.81 28.44 -12.79
N GLU C 102 31.77 27.65 -12.53
CA GLU C 102 30.39 28.13 -12.58
C GLU C 102 29.80 28.16 -11.17
N VAL C 103 28.84 29.06 -10.97
CA VAL C 103 28.08 29.18 -9.73
C VAL C 103 26.60 29.03 -10.07
N ILE C 104 26.00 27.94 -9.59
CA ILE C 104 24.64 27.55 -9.95
C ILE C 104 23.73 27.88 -8.78
N GLU C 105 22.69 28.68 -9.03
CA GLU C 105 21.75 29.08 -7.98
C GLU C 105 20.63 28.05 -7.90
N TYR C 106 20.44 27.46 -6.73
CA TYR C 106 19.30 26.59 -6.46
C TYR C 106 18.29 27.39 -5.65
N ASP C 107 17.05 27.47 -6.14
CA ASP C 107 16.00 28.24 -5.48
C ASP C 107 14.70 27.42 -5.53
N GLY C 108 14.75 26.21 -4.96
CA GLY C 108 13.64 25.29 -4.97
C GLY C 108 13.32 24.70 -3.60
N GLU C 109 12.51 23.65 -3.57
CA GLU C 109 12.07 23.04 -2.32
C GLU C 109 13.28 22.66 -1.47
N PHE C 110 13.24 23.06 -0.19
CA PHE C 110 14.32 22.74 0.75
C PHE C 110 13.97 21.42 1.41
N SER C 111 14.39 20.33 0.76
CA SER C 111 14.12 18.99 1.21
C SER C 111 15.28 18.10 0.80
N ALA C 112 15.55 17.07 1.61
CA ALA C 112 16.72 16.24 1.36
C ALA C 112 16.60 15.52 0.03
N ASP C 113 15.40 14.99 -0.28
CA ASP C 113 15.22 14.26 -1.52
C ASP C 113 15.41 15.17 -2.73
N THR C 114 14.78 16.35 -2.71
CA THR C 114 14.90 17.27 -3.83
C THR C 114 16.33 17.82 -3.98
N LEU C 115 17.00 18.12 -2.88
CA LEU C 115 18.37 18.60 -2.95
C LEU C 115 19.31 17.56 -3.55
N VAL C 116 19.19 16.31 -3.08
CA VAL C 116 20.08 15.27 -3.57
C VAL C 116 19.87 15.02 -5.06
N GLU C 117 18.61 14.98 -5.51
CA GLU C 117 18.35 14.81 -6.93
C GLU C 117 19.00 15.93 -7.74
N PHE C 118 18.91 17.16 -7.23
CA PHE C 118 19.53 18.29 -7.92
C PHE C 118 21.05 18.16 -7.98
N LEU C 119 21.68 17.84 -6.85
CA LEU C 119 23.14 17.70 -6.85
C LEU C 119 23.60 16.59 -7.79
N LEU C 120 22.89 15.46 -7.81
CA LEU C 120 23.22 14.40 -8.74
C LEU C 120 23.10 14.86 -10.19
N ASP C 121 22.15 15.74 -10.49
CA ASP C 121 22.08 16.30 -11.84
C ASP C 121 23.27 17.22 -12.11
N VAL C 122 23.67 18.01 -11.11
CA VAL C 122 24.84 18.88 -11.26
C VAL C 122 26.07 18.06 -11.57
N LEU C 123 26.22 16.91 -10.90
CA LEU C 123 27.41 16.10 -11.06
C LEU C 123 27.50 15.50 -12.46
N GLU C 124 26.40 15.43 -13.19
CA GLU C 124 26.42 14.89 -14.52
C GLU C 124 27.09 15.89 -15.48
N ASP C 125 27.51 15.38 -16.63
CA ASP C 125 28.13 16.27 -17.62
C ASP C 125 27.08 17.17 -18.25
N PRO C 126 27.47 18.40 -18.66
CA PRO C 126 26.46 19.36 -19.14
C PRO C 126 26.01 19.16 -20.59
N VAL C 127 26.61 18.25 -21.35
CA VAL C 127 26.18 17.99 -22.72
C VAL C 127 25.93 16.49 -22.87
N GLU C 128 24.80 16.13 -23.47
CA GLU C 128 24.44 14.75 -23.74
C GLU C 128 24.46 14.55 -25.24
N LEU C 129 25.10 13.47 -25.69
CA LEU C 129 25.21 13.21 -27.11
C LEU C 129 23.97 12.48 -27.62
N ILE C 130 23.70 12.65 -28.91
CA ILE C 130 22.58 11.99 -29.57
C ILE C 130 23.12 11.27 -30.79
N GLU C 131 22.95 9.95 -30.81
CA GLU C 131 23.35 9.16 -31.95
C GLU C 131 22.31 8.06 -32.14
N GLY C 132 21.83 7.92 -33.37
CA GLY C 132 20.83 6.93 -33.69
C GLY C 132 19.41 7.40 -33.40
N GLU C 133 18.46 6.60 -33.88
CA GLU C 133 17.06 7.00 -33.87
C GLU C 133 16.47 6.98 -32.45
N ARG C 134 16.79 5.95 -31.65
CA ARG C 134 16.18 5.87 -30.33
C ARG C 134 16.64 7.01 -29.45
N GLU C 135 17.94 7.34 -29.50
CA GLU C 135 18.42 8.48 -28.71
C GLU C 135 17.78 9.77 -29.22
N LEU C 136 17.61 9.88 -30.54
CA LEU C 136 16.94 11.04 -31.11
C LEU C 136 15.50 11.17 -30.61
N GLN C 137 14.79 10.05 -30.52
CA GLN C 137 13.43 10.06 -29.99
C GLN C 137 13.39 10.55 -28.54
N ALA C 138 14.36 10.14 -27.73
CA ALA C 138 14.43 10.65 -26.36
C ALA C 138 14.56 12.16 -26.35
N PHE C 139 15.35 12.72 -27.27
CA PHE C 139 15.48 14.17 -27.35
C PHE C 139 14.13 14.81 -27.67
N GLU C 140 13.42 14.27 -28.66
CA GLU C 140 12.14 14.85 -29.04
C GLU C 140 11.06 14.68 -27.97
N ASN C 141 11.19 13.67 -27.10
CA ASN C 141 10.20 13.49 -26.05
C ASN C 141 10.27 14.57 -24.99
N ILE C 142 11.37 15.31 -24.91
CA ILE C 142 11.51 16.37 -23.92
C ILE C 142 10.67 17.55 -24.40
N GLU C 143 9.72 17.98 -23.57
CA GLU C 143 8.97 19.19 -23.87
C GLU C 143 8.76 20.09 -22.68
N ASP C 144 8.91 19.62 -21.45
CA ASP C 144 8.71 20.45 -20.27
C ASP C 144 9.92 21.33 -19.95
N ASP C 145 10.99 21.22 -20.73
CA ASP C 145 12.17 22.06 -20.58
C ASP C 145 12.52 22.70 -21.91
N ASN C 146 13.04 23.91 -21.86
CA ASN C 146 13.83 24.40 -22.98
C ASN C 146 14.99 23.44 -23.24
N LYS C 147 15.31 23.26 -24.52
CA LYS C 147 16.43 22.40 -24.88
C LYS C 147 17.08 22.97 -26.12
N LEU C 148 18.36 22.68 -26.27
CA LEU C 148 19.11 23.05 -27.46
C LEU C 148 19.72 21.79 -28.04
N ILE C 149 19.88 21.80 -29.37
CA ILE C 149 20.64 20.76 -30.05
C ILE C 149 21.43 21.41 -31.18
N GLY C 150 22.70 21.04 -31.29
CA GLY C 150 23.56 21.56 -32.33
C GLY C 150 24.27 20.43 -33.06
N TYR C 151 24.60 20.69 -34.31
CA TYR C 151 25.30 19.70 -35.12
C TYR C 151 26.72 20.19 -35.33
N PHE C 152 27.69 19.39 -34.92
CA PHE C 152 29.10 19.74 -35.02
C PHE C 152 29.87 18.59 -35.64
N LYS C 153 31.11 18.87 -36.04
CA LYS C 153 31.93 17.86 -36.69
C LYS C 153 32.28 16.70 -35.76
N ASN C 154 32.79 17.02 -34.56
CA ASN C 154 33.21 16.00 -33.59
C ASN C 154 33.52 16.71 -32.28
N LYS C 155 33.95 15.94 -31.27
CA LYS C 155 34.15 16.50 -29.93
C LYS C 155 35.33 17.46 -29.84
N ASP C 156 36.25 17.41 -30.79
CA ASP C 156 37.40 18.30 -30.83
C ASP C 156 37.11 19.59 -31.59
N SER C 157 35.96 19.69 -32.24
CA SER C 157 35.60 20.90 -32.96
C SER C 157 35.61 22.12 -32.05
N GLU C 158 36.28 23.17 -32.52
CA GLU C 158 36.29 24.44 -31.82
C GLU C 158 34.88 24.98 -31.60
N HIS C 159 33.94 24.63 -32.48
CA HIS C 159 32.56 25.08 -32.32
C HIS C 159 31.81 24.27 -31.27
N TYR C 160 32.11 22.97 -31.20
CA TYR C 160 31.57 22.15 -30.11
C TYR C 160 32.08 22.59 -28.75
N LYS C 161 33.36 22.92 -28.65
CA LYS C 161 33.91 23.30 -27.36
C LYS C 161 33.30 24.61 -26.85
N ALA C 162 33.05 25.55 -27.77
CA ALA C 162 32.32 26.76 -27.39
C ALA C 162 30.92 26.43 -26.91
N TYR C 163 30.28 25.47 -27.56
CA TYR C 163 28.94 25.04 -27.16
C TYR C 163 28.95 24.45 -25.75
N GLU C 164 29.93 23.60 -25.46
CA GLU C 164 30.06 23.01 -24.13
C GLU C 164 30.31 24.06 -23.05
N ASP C 165 31.13 25.08 -23.35
CA ASP C 165 31.38 26.14 -22.39
C ASP C 165 30.11 26.93 -22.09
N ALA C 166 29.29 27.15 -23.11
CA ALA C 166 28.01 27.81 -22.88
C ALA C 166 27.07 26.92 -22.08
N ALA C 167 27.10 25.62 -22.32
CA ALA C 167 26.24 24.71 -21.57
C ALA C 167 26.52 24.79 -20.07
N GLU C 168 27.80 24.98 -19.69
CA GLU C 168 28.15 25.04 -18.29
C GLU C 168 27.46 26.21 -17.59
N GLU C 169 27.20 27.28 -18.34
CA GLU C 169 26.60 28.47 -17.76
C GLU C 169 25.18 28.21 -17.28
N PHE C 170 24.44 27.31 -17.95
CA PHE C 170 23.04 27.05 -17.65
C PHE C 170 22.78 25.69 -17.01
N HIS C 171 23.82 24.92 -16.72
CA HIS C 171 23.71 23.60 -16.11
C HIS C 171 23.11 23.66 -14.69
N PRO C 172 22.18 22.75 -14.34
CA PRO C 172 21.52 21.65 -15.06
C PRO C 172 20.10 21.99 -15.53
N TYR C 173 19.79 23.28 -15.67
CA TYR C 173 18.40 23.69 -15.90
C TYR C 173 18.00 23.58 -17.37
N ILE C 174 18.92 23.82 -18.29
CA ILE C 174 18.63 23.80 -19.72
C ILE C 174 19.53 22.77 -20.36
N PRO C 175 19.01 21.58 -20.67
CA PRO C 175 19.87 20.53 -21.22
C PRO C 175 20.38 20.93 -22.60
N PHE C 176 21.68 20.74 -22.80
CA PHE C 176 22.31 20.98 -24.09
C PHE C 176 22.59 19.64 -24.74
N PHE C 177 22.11 19.45 -25.96
CA PHE C 177 22.38 18.26 -26.74
C PHE C 177 23.25 18.59 -27.94
N ALA C 178 24.06 17.62 -28.37
CA ALA C 178 24.91 17.76 -29.55
C ALA C 178 24.86 16.47 -30.34
N THR C 179 24.98 16.58 -31.66
CA THR C 179 25.13 15.40 -32.50
C THR C 179 26.29 15.62 -33.46
N PHE C 180 27.03 14.53 -33.73
CA PHE C 180 28.01 14.49 -34.82
C PHE C 180 27.53 13.62 -35.97
N ASP C 181 26.28 13.17 -35.93
CA ASP C 181 25.75 12.20 -36.87
C ASP C 181 24.97 12.97 -37.92
N SER C 182 25.51 12.99 -39.14
CA SER C 182 24.88 13.75 -40.21
C SER C 182 23.47 13.27 -40.50
N LYS C 183 23.19 12.00 -40.21
CA LYS C 183 21.84 11.49 -40.42
C LYS C 183 20.89 12.04 -39.37
N VAL C 184 21.34 12.11 -38.11
CA VAL C 184 20.54 12.75 -37.08
C VAL C 184 20.35 14.22 -37.41
N ALA C 185 21.44 14.91 -37.78
CA ALA C 185 21.36 16.34 -38.08
C ALA C 185 20.39 16.60 -39.23
N LYS C 186 20.39 15.73 -40.24
CA LYS C 186 19.50 15.92 -41.38
C LYS C 186 18.04 15.81 -40.93
N LYS C 187 17.74 14.84 -40.05
CA LYS C 187 16.39 14.71 -39.53
C LYS C 187 15.96 15.95 -38.77
N LEU C 188 16.90 16.59 -38.07
CA LEU C 188 16.66 17.81 -37.33
C LEU C 188 16.73 19.07 -38.20
N THR C 189 17.13 18.95 -39.47
CA THR C 189 17.35 20.12 -40.35
C THR C 189 18.42 21.04 -39.78
N LEU C 190 19.43 20.43 -39.14
CA LEU C 190 20.56 21.17 -38.62
C LEU C 190 21.70 21.14 -39.62
N LYS C 191 22.07 22.30 -40.12
CA LYS C 191 23.27 22.40 -40.93
C LYS C 191 24.47 22.41 -40.01
N LEU C 192 25.64 22.13 -40.56
CA LEU C 192 26.82 21.99 -39.72
C LEU C 192 27.07 23.27 -38.93
N ASN C 193 27.24 23.12 -37.62
CA ASN C 193 27.47 24.21 -36.67
C ASN C 193 26.23 25.05 -36.40
N GLU C 194 25.07 24.68 -36.93
CA GLU C 194 23.83 25.32 -36.53
C GLU C 194 23.38 24.80 -35.18
N ILE C 195 22.68 25.66 -34.45
CA ILE C 195 22.15 25.33 -33.14
C ILE C 195 20.67 25.69 -33.18
N ASP C 196 19.81 24.74 -32.82
CA ASP C 196 18.38 24.95 -32.75
C ASP C 196 17.96 25.01 -31.30
N PHE C 197 17.16 26.01 -30.97
CA PHE C 197 16.59 26.17 -29.64
C PHE C 197 15.12 25.77 -29.69
N TYR C 198 14.76 24.77 -28.89
CA TYR C 198 13.37 24.32 -28.79
C TYR C 198 12.81 24.88 -27.49
N GLU C 199 11.99 25.92 -27.61
CA GLU C 199 11.30 26.46 -26.44
C GLU C 199 10.41 25.40 -25.82
N ALA C 200 10.32 25.42 -24.50
CA ALA C 200 9.49 24.46 -23.79
C ALA C 200 8.09 24.40 -24.38
N PHE C 201 7.61 23.18 -24.63
CA PHE C 201 6.26 22.88 -25.09
C PHE C 201 6.04 23.35 -26.52
N MET C 202 7.06 23.87 -27.21
CA MET C 202 6.91 24.28 -28.60
C MET C 202 7.30 23.13 -29.50
N GLU C 203 6.63 23.03 -30.65
CA GLU C 203 6.99 22.01 -31.63
C GLU C 203 8.13 22.47 -32.53
N GLU C 204 8.10 23.74 -32.98
CA GLU C 204 9.03 24.25 -33.97
C GLU C 204 10.18 24.98 -33.29
N PRO C 205 11.44 24.68 -33.64
CA PRO C 205 12.58 25.36 -33.01
C PRO C 205 12.90 26.72 -33.63
N VAL C 206 13.79 27.42 -32.92
CA VAL C 206 14.38 28.66 -33.40
C VAL C 206 15.88 28.46 -33.56
N THR C 207 16.38 28.69 -34.75
CA THR C 207 17.80 28.55 -35.04
C THR C 207 18.57 29.79 -34.59
N ILE C 208 19.67 29.58 -33.88
CA ILE C 208 20.51 30.70 -33.46
C ILE C 208 21.16 31.31 -34.70
N PRO C 209 21.08 32.63 -34.91
CA PRO C 209 21.63 33.22 -36.15
C PRO C 209 23.16 33.27 -36.16
N ASP C 210 23.70 33.39 -37.38
CA ASP C 210 25.11 33.74 -37.59
C ASP C 210 26.04 32.59 -37.18
N LYS C 211 25.69 31.36 -37.53
CA LYS C 211 26.53 30.22 -37.25
C LYS C 211 27.80 30.25 -38.12
N PRO C 212 28.90 29.65 -37.62
CA PRO C 212 29.09 28.95 -36.34
C PRO C 212 29.00 29.92 -35.16
N ASN C 213 28.52 29.46 -34.01
CA ASN C 213 28.23 30.32 -32.88
C ASN C 213 29.31 30.19 -31.80
N SER C 214 29.70 31.33 -31.23
CA SER C 214 30.61 31.37 -30.10
C SER C 214 29.87 31.15 -28.78
N GLU C 215 30.63 30.90 -27.72
CA GLU C 215 30.05 30.79 -26.37
C GLU C 215 29.19 32.00 -26.06
N GLU C 216 29.72 33.20 -26.31
CA GLU C 216 29.01 34.43 -25.97
C GLU C 216 27.71 34.56 -26.77
N GLU C 217 27.74 34.19 -28.05
CA GLU C 217 26.54 34.25 -28.88
C GLU C 217 25.45 33.30 -28.39
N ILE C 218 25.84 32.10 -27.93
CA ILE C 218 24.86 31.14 -27.43
C ILE C 218 24.25 31.63 -26.13
N VAL C 219 25.09 32.05 -25.18
CA VAL C 219 24.61 32.49 -23.87
C VAL C 219 23.62 33.63 -24.03
N SER C 220 23.97 34.65 -24.83
CA SER C 220 23.08 35.78 -24.97
C SER C 220 21.75 35.36 -25.59
N PHE C 221 21.79 34.45 -26.57
CA PHE C 221 20.55 33.95 -27.16
C PHE C 221 19.69 33.25 -26.12
N VAL C 222 20.29 32.34 -25.35
CA VAL C 222 19.50 31.57 -24.39
C VAL C 222 18.93 32.51 -23.35
N GLU C 223 19.73 33.47 -22.88
CA GLU C 223 19.25 34.42 -21.90
C GLU C 223 18.05 35.20 -22.43
N ALA C 224 18.05 35.52 -23.72
CA ALA C 224 16.94 36.29 -24.28
C ALA C 224 15.69 35.44 -24.50
N HIS C 225 15.83 34.13 -24.65
CA HIS C 225 14.70 33.21 -24.84
C HIS C 225 14.45 32.34 -23.62
N LYS C 226 15.10 32.66 -22.50
CA LYS C 226 15.06 31.79 -21.33
C LYS C 226 13.63 31.58 -20.82
N ARG C 227 12.78 32.62 -20.86
CA ARG C 227 11.44 32.55 -20.29
C ARG C 227 10.49 32.05 -21.38
N SER C 228 9.94 30.85 -21.19
CA SER C 228 9.06 30.28 -22.21
C SER C 228 7.63 30.79 -22.02
N THR C 229 6.88 30.80 -23.11
CA THR C 229 5.48 31.22 -23.03
C THR C 229 4.72 30.35 -22.03
N LEU C 230 4.94 29.05 -22.06
CA LEU C 230 4.36 28.11 -21.10
C LEU C 230 5.51 27.45 -20.36
N ARG C 231 5.48 27.50 -19.02
CA ARG C 231 6.53 26.87 -18.24
C ARG C 231 5.95 26.10 -17.07
N LYS C 232 6.62 25.00 -16.72
CA LYS C 232 6.13 24.06 -15.72
C LYS C 232 6.75 24.35 -14.37
N LEU C 233 5.92 24.43 -13.34
CA LEU C 233 6.41 24.54 -11.98
C LEU C 233 7.00 23.20 -11.52
N LYS C 234 8.25 23.22 -11.07
CA LYS C 234 8.90 22.00 -10.61
C LYS C 234 9.47 22.25 -9.22
N PRO C 235 9.45 21.25 -8.35
CA PRO C 235 10.03 21.45 -7.01
C PRO C 235 11.45 22.00 -7.06
N GLU C 236 12.26 21.55 -8.01
CA GLU C 236 13.67 21.95 -8.06
C GLU C 236 13.84 23.43 -8.35
N SER C 237 12.83 24.08 -8.94
CA SER C 237 12.97 25.48 -9.32
C SER C 237 11.70 26.29 -9.01
N MET C 238 10.88 25.83 -8.08
CA MET C 238 9.56 26.42 -7.90
C MET C 238 9.63 27.89 -7.49
N TYR C 239 10.58 28.25 -6.61
CA TYR C 239 10.63 29.62 -6.13
C TYR C 239 11.26 30.57 -7.15
N GLU C 240 12.26 30.10 -7.88
CA GLU C 240 12.80 30.90 -8.99
C GLU C 240 11.68 31.29 -9.95
N THR C 241 10.86 30.32 -10.35
CA THR C 241 9.77 30.59 -11.28
C THR C 241 8.76 31.55 -10.67
N TRP C 242 8.35 31.29 -9.43
CA TRP C 242 7.31 32.10 -8.81
C TRP C 242 7.78 33.52 -8.56
N GLU C 243 9.08 33.71 -8.25
CA GLU C 243 9.61 35.05 -8.04
C GLU C 243 9.76 35.83 -9.33
N ASP C 244 9.67 35.16 -10.48
CA ASP C 244 9.84 35.79 -11.78
C ASP C 244 8.47 36.20 -12.33
N ASP C 245 7.81 37.08 -11.58
CA ASP C 245 6.50 37.53 -12.00
C ASP C 245 6.62 38.63 -13.05
N LEU C 246 5.53 38.79 -13.81
CA LEU C 246 5.43 39.81 -14.83
C LEU C 246 4.45 40.85 -14.27
N ASP C 247 5.01 41.97 -13.81
CA ASP C 247 4.25 43.03 -13.19
C ASP C 247 3.41 42.51 -12.02
N GLY C 248 4.00 41.62 -11.23
CA GLY C 248 3.38 41.11 -10.02
C GLY C 248 2.21 40.17 -10.24
N ILE C 249 2.07 39.59 -11.42
CA ILE C 249 0.95 38.75 -11.81
C ILE C 249 1.47 37.46 -12.41
N HIS C 250 0.87 36.34 -12.01
CA HIS C 250 1.04 35.07 -12.71
C HIS C 250 -0.31 34.54 -13.21
N ILE C 251 -0.29 34.01 -14.43
CA ILE C 251 -1.35 33.13 -14.90
C ILE C 251 -0.96 31.71 -14.54
N VAL C 252 -1.83 31.03 -13.81
CA VAL C 252 -1.58 29.72 -13.24
C VAL C 252 -2.61 28.74 -13.77
N ALA C 253 -2.14 27.66 -14.40
CA ALA C 253 -3.02 26.61 -14.90
C ALA C 253 -2.72 25.34 -14.11
N PHE C 254 -3.76 24.77 -13.51
CA PHE C 254 -3.66 23.49 -12.81
C PHE C 254 -4.17 22.39 -13.74
N ALA C 255 -3.35 21.36 -13.97
CA ALA C 255 -3.78 20.25 -14.80
C ALA C 255 -2.94 19.03 -14.42
N GLU C 256 -3.62 17.91 -14.13
CA GLU C 256 -2.95 16.65 -13.83
C GLU C 256 -2.76 15.90 -15.15
N GLU C 257 -1.50 15.78 -15.58
CA GLU C 257 -1.20 15.31 -16.92
C GLU C 257 -1.76 13.92 -17.20
N THR C 258 -1.70 13.01 -16.21
CA THR C 258 -2.11 11.63 -16.45
C THR C 258 -3.63 11.45 -16.45
N ASP C 259 -4.37 12.39 -15.91
CA ASP C 259 -5.82 12.26 -15.88
C ASP C 259 -6.39 12.67 -17.24
N PRO C 260 -7.34 11.91 -17.79
CA PRO C 260 -7.84 12.23 -19.14
C PRO C 260 -8.37 13.65 -19.28
N ASP C 261 -9.04 14.18 -18.26
CA ASP C 261 -9.52 15.54 -18.34
C ASP C 261 -8.37 16.53 -18.24
N GLY C 262 -7.40 16.26 -17.37
CA GLY C 262 -6.22 17.12 -17.31
C GLY C 262 -5.42 17.11 -18.60
N TYR C 263 -5.24 15.92 -19.19
CA TYR C 263 -4.52 15.83 -20.46
C TYR C 263 -5.22 16.64 -21.54
N GLU C 264 -6.55 16.50 -21.64
CA GLU C 264 -7.27 17.22 -22.67
C GLU C 264 -7.09 18.71 -22.51
N PHE C 265 -7.18 19.21 -21.28
CA PHE C 265 -6.99 20.64 -21.05
C PHE C 265 -5.56 21.10 -21.30
N LEU C 266 -4.58 20.28 -20.89
CA LEU C 266 -3.19 20.65 -21.06
C LEU C 266 -2.84 20.77 -22.55
N GLU C 267 -3.41 19.90 -23.38
CA GLU C 267 -3.17 19.97 -24.82
C GLU C 267 -3.68 21.28 -25.40
N THR C 268 -4.83 21.76 -24.94
CA THR C 268 -5.33 23.07 -25.38
C THR C 268 -4.37 24.18 -24.97
N LEU C 269 -3.84 24.11 -23.75
CA LEU C 269 -2.89 25.11 -23.30
C LEU C 269 -1.67 25.15 -24.21
N LYS C 270 -1.13 23.98 -24.55
CA LYS C 270 0.01 23.95 -25.45
C LYS C 270 -0.32 24.58 -26.80
N ALA C 271 -1.48 24.25 -27.37
CA ALA C 271 -1.86 24.82 -28.67
C ALA C 271 -1.98 26.33 -28.62
N VAL C 272 -2.55 26.87 -27.54
CA VAL C 272 -2.68 28.31 -27.41
C VAL C 272 -1.30 28.95 -27.24
N ALA C 273 -0.43 28.34 -26.44
CA ALA C 273 0.91 28.88 -26.27
C ALA C 273 1.64 28.92 -27.61
N GLN C 274 1.49 27.87 -28.41
CA GLN C 274 2.19 27.82 -29.68
C GLN C 274 1.69 28.93 -30.61
N ASP C 275 0.38 29.16 -30.65
CA ASP C 275 -0.15 30.21 -31.51
C ASP C 275 0.21 31.61 -31.02
N ASN C 276 0.58 31.75 -29.75
CA ASN C 276 0.91 33.05 -29.19
C ASN C 276 2.32 33.08 -28.59
N THR C 277 3.21 32.22 -29.08
CA THR C 277 4.52 32.06 -28.43
C THR C 277 5.38 33.30 -28.55
N ASP C 278 5.09 34.20 -29.50
CA ASP C 278 5.89 35.39 -29.70
C ASP C 278 5.32 36.61 -28.98
N ASN C 279 4.20 36.48 -28.29
CA ASN C 279 3.66 37.56 -27.48
C ASN C 279 4.51 37.69 -26.22
N PRO C 280 5.35 38.72 -26.09
CA PRO C 280 6.27 38.78 -24.94
C PRO C 280 5.58 38.99 -23.59
N ASP C 281 4.30 39.37 -23.55
CA ASP C 281 3.62 39.57 -22.28
C ASP C 281 2.95 38.32 -21.76
N LEU C 282 2.94 37.23 -22.53
CA LEU C 282 2.24 36.01 -22.12
C LEU C 282 3.22 35.02 -21.52
N SER C 283 3.03 34.69 -20.24
CA SER C 283 3.81 33.68 -19.56
C SER C 283 2.86 32.92 -18.64
N ILE C 284 2.71 31.63 -18.89
CA ILE C 284 1.76 30.77 -18.18
C ILE C 284 2.55 29.76 -17.39
N ILE C 285 2.20 29.60 -16.11
CA ILE C 285 2.76 28.57 -15.26
C ILE C 285 1.76 27.44 -15.18
N TRP C 286 2.19 26.27 -15.60
CA TRP C 286 1.46 25.03 -15.46
C TRP C 286 1.95 24.34 -14.19
N ILE C 287 1.03 24.09 -13.27
CA ILE C 287 1.31 23.33 -12.05
C ILE C 287 0.55 22.03 -12.16
N ASP C 288 1.26 20.91 -12.13
CA ASP C 288 0.61 19.62 -12.03
C ASP C 288 0.47 19.27 -10.55
N PRO C 289 -0.76 19.17 -10.02
CA PRO C 289 -0.92 18.89 -8.57
C PRO C 289 -0.20 17.65 -8.08
N ASP C 290 0.03 16.64 -8.93
CA ASP C 290 0.69 15.43 -8.48
C ASP C 290 2.13 15.70 -8.05
N ASP C 291 2.69 16.85 -8.42
CA ASP C 291 4.05 17.22 -8.03
C ASP C 291 4.10 17.95 -6.69
N PHE C 292 2.96 18.42 -6.16
CA PHE C 292 2.93 19.19 -4.91
C PHE C 292 1.80 18.75 -4.00
N PRO C 293 1.75 17.47 -3.63
CA PRO C 293 0.62 16.98 -2.81
C PRO C 293 0.41 17.75 -1.51
N LEU C 294 1.48 18.19 -0.85
CA LEU C 294 1.34 18.88 0.43
C LEU C 294 0.74 20.28 0.29
N LEU C 295 0.73 20.83 -0.92
CA LEU C 295 0.16 22.15 -1.17
C LEU C 295 -1.26 22.13 -1.73
N VAL C 296 -1.77 20.98 -2.13
CA VAL C 296 -3.08 20.95 -2.79
C VAL C 296 -4.19 21.48 -1.89
N PRO C 297 -4.34 21.02 -0.65
CA PRO C 297 -5.40 21.62 0.20
C PRO C 297 -5.24 23.11 0.43
N TYR C 298 -4.02 23.58 0.60
CA TYR C 298 -3.81 25.01 0.77
C TYR C 298 -4.25 25.79 -0.47
N TRP C 299 -3.92 25.30 -1.66
CA TRP C 299 -4.34 25.96 -2.89
C TRP C 299 -5.85 25.94 -3.07
N GLU C 300 -6.50 24.82 -2.77
CA GLU C 300 -7.94 24.74 -2.92
C GLU C 300 -8.64 25.75 -2.01
N LYS C 301 -8.15 25.89 -0.78
CA LYS C 301 -8.73 26.84 0.16
C LYS C 301 -8.44 28.28 -0.25
N THR C 302 -7.19 28.58 -0.59
CA THR C 302 -6.80 29.97 -0.88
C THR C 302 -7.50 30.47 -2.14
N PHE C 303 -7.54 29.64 -3.18
CA PHE C 303 -8.13 30.04 -4.45
C PHE C 303 -9.59 29.62 -4.58
N ASN C 304 -10.08 28.77 -3.67
CA ASN C 304 -11.48 28.33 -3.67
C ASN C 304 -11.81 27.60 -4.97
N ILE C 305 -11.01 26.58 -5.30
CA ILE C 305 -11.19 25.80 -6.51
C ILE C 305 -10.96 24.33 -6.20
N ASP C 306 -11.49 23.47 -7.08
CA ASP C 306 -11.36 22.03 -6.97
C ASP C 306 -10.25 21.57 -7.90
N LEU C 307 -9.13 21.13 -7.33
CA LEU C 307 -7.97 20.76 -8.13
C LEU C 307 -8.01 19.33 -8.63
N SER C 308 -9.08 18.58 -8.36
CA SER C 308 -9.32 17.34 -9.09
C SER C 308 -9.81 17.58 -10.52
N ALA C 309 -10.05 18.83 -10.90
CA ALA C 309 -10.36 19.19 -12.27
C ALA C 309 -9.39 20.25 -12.76
N PRO C 310 -9.22 20.40 -14.08
CA PRO C 310 -8.34 21.47 -14.58
C PRO C 310 -8.85 22.85 -14.23
N GLN C 311 -7.91 23.76 -14.00
CA GLN C 311 -8.25 25.14 -13.68
C GLN C 311 -7.22 26.07 -14.28
N ILE C 312 -7.65 27.31 -14.54
CA ILE C 312 -6.73 28.37 -14.94
C ILE C 312 -7.29 29.67 -14.37
N GLY C 313 -6.38 30.50 -13.87
CA GLY C 313 -6.74 31.77 -13.24
C GLY C 313 -5.61 32.76 -13.25
N VAL C 314 -5.89 33.93 -12.70
CA VAL C 314 -4.92 35.02 -12.56
C VAL C 314 -4.64 35.18 -11.08
N VAL C 315 -3.35 35.13 -10.74
CA VAL C 315 -2.84 35.17 -9.37
C VAL C 315 -2.01 36.43 -9.10
N ASN C 316 -2.40 37.13 -8.04
CA ASN C 316 -1.76 38.34 -7.50
C ASN C 316 -0.78 37.86 -6.45
N VAL C 317 0.51 37.99 -6.77
CA VAL C 317 1.56 37.49 -5.90
C VAL C 317 1.67 38.23 -4.57
N THR C 318 1.43 39.53 -4.49
CA THR C 318 1.57 40.16 -3.17
C THR C 318 0.58 39.59 -2.14
N ASP C 319 -0.72 39.68 -2.43
CA ASP C 319 -1.80 39.25 -1.52
C ASP C 319 -2.37 37.88 -1.83
N ALA C 320 -1.86 37.20 -2.84
CA ALA C 320 -2.40 35.92 -3.30
C ALA C 320 -3.92 36.03 -3.48
N ASP C 321 -4.30 36.88 -4.42
CA ASP C 321 -5.69 37.19 -4.71
C ASP C 321 -5.87 36.56 -6.07
N SER C 322 -7.08 36.20 -6.43
CA SER C 322 -7.16 35.50 -7.69
C SER C 322 -8.55 35.56 -8.29
N VAL C 323 -8.58 35.32 -9.60
CA VAL C 323 -9.83 35.13 -10.31
C VAL C 323 -9.59 33.94 -11.22
N TRP C 324 -10.62 33.12 -11.36
CA TRP C 324 -10.52 31.82 -12.02
C TRP C 324 -11.58 31.68 -13.09
N MET C 325 -11.19 31.09 -14.22
CA MET C 325 -12.17 30.80 -15.25
C MET C 325 -13.23 29.89 -14.66
N GLU C 326 -14.50 30.19 -14.93
CA GLU C 326 -15.62 29.45 -14.37
C GLU C 326 -15.89 28.24 -15.26
N MET C 327 -15.62 27.05 -14.73
CA MET C 327 -15.87 25.79 -15.43
C MET C 327 -16.77 24.92 -14.56
N ASP C 328 -17.93 24.55 -15.10
CA ASP C 328 -18.89 23.78 -14.30
C ASP C 328 -18.26 22.51 -13.74
N ASP C 329 -17.46 21.81 -14.53
CA ASP C 329 -16.84 20.57 -14.08
C ASP C 329 -15.70 20.23 -15.04
N GLU C 330 -15.11 19.05 -14.84
CA GLU C 330 -13.99 18.61 -15.66
C GLU C 330 -14.35 18.53 -17.14
N GLU C 331 -15.63 18.38 -17.48
CA GLU C 331 -16.04 18.27 -18.87
C GLU C 331 -16.41 19.60 -19.52
N ASP C 332 -16.41 20.68 -18.76
CA ASP C 332 -16.72 22.04 -19.26
C ASP C 332 -15.44 22.80 -19.61
N LEU C 333 -14.61 22.20 -20.48
CA LEU C 333 -13.31 22.78 -20.81
C LEU C 333 -13.44 23.79 -21.94
N PRO C 334 -12.65 24.86 -21.92
CA PRO C 334 -12.71 25.84 -23.00
C PRO C 334 -12.00 25.38 -24.26
N SER C 335 -12.55 25.80 -25.39
CA SER C 335 -11.86 25.71 -26.67
C SER C 335 -10.65 26.64 -26.72
N ALA C 336 -9.82 26.39 -27.74
CA ALA C 336 -8.67 27.26 -28.00
C ALA C 336 -9.13 28.70 -28.18
N GLU C 337 -10.20 28.88 -28.95
CA GLU C 337 -10.71 30.22 -29.21
C GLU C 337 -11.19 30.89 -27.93
N GLU C 338 -11.93 30.15 -27.09
CA GLU C 338 -12.39 30.69 -25.81
C GLU C 338 -11.23 31.01 -24.88
N LEU C 339 -10.19 30.16 -24.86
CA LEU C 339 -9.04 30.41 -24.00
C LEU C 339 -8.24 31.63 -24.45
N GLU C 340 -8.01 31.76 -25.75
CA GLU C 340 -7.37 32.97 -26.27
C GLU C 340 -8.12 34.21 -25.80
N ASP C 341 -9.43 34.25 -26.02
CA ASP C 341 -10.20 35.43 -25.65
C ASP C 341 -10.09 35.68 -24.15
N TRP C 342 -10.08 34.63 -23.33
CA TRP C 342 -9.99 34.81 -21.89
C TRP C 342 -8.64 35.40 -21.51
N LEU C 343 -7.57 34.92 -22.15
CA LEU C 343 -6.23 35.46 -21.92
C LEU C 343 -6.15 36.93 -22.33
N GLU C 344 -6.76 37.29 -23.47
CA GLU C 344 -6.78 38.68 -23.91
C GLU C 344 -7.37 39.57 -22.83
N ASP C 345 -8.47 39.13 -22.22
CA ASP C 345 -9.18 39.93 -21.23
C ASP C 345 -8.29 40.16 -20.01
N VAL C 346 -7.48 39.16 -19.64
CA VAL C 346 -6.62 39.28 -18.46
C VAL C 346 -5.48 40.21 -18.82
N LEU C 347 -5.10 40.22 -20.10
CA LEU C 347 -3.97 40.98 -20.59
C LEU C 347 -4.41 42.43 -20.81
N GLU C 348 -5.52 42.63 -21.54
CA GLU C 348 -6.10 43.97 -21.71
C GLU C 348 -6.78 44.53 -20.41
N GLY C 349 -6.64 43.92 -19.23
CA GLY C 349 -7.30 44.37 -18.02
C GLY C 349 -8.78 44.08 -17.85
N GLU C 350 -9.48 43.61 -18.89
CA GLU C 350 -10.90 43.31 -18.73
C GLU C 350 -11.14 42.37 -17.55
N ILE C 351 -10.15 41.56 -17.22
CA ILE C 351 -10.16 40.63 -16.08
C ILE C 351 -9.13 41.16 -15.10
N ASN C 352 -9.59 41.59 -13.93
CA ASN C 352 -8.73 42.17 -12.92
C ASN C 352 -8.98 41.48 -11.59
N THR C 353 -7.92 41.35 -10.80
CA THR C 353 -8.05 40.69 -9.50
C THR C 353 -8.87 41.53 -8.53
N GLU C 354 -8.92 42.84 -8.75
CA GLU C 354 -9.66 43.75 -7.89
C GLU C 354 -11.13 43.79 -8.31
C1 NAG D . -13.27 -3.40 31.87
C2 NAG D . -14.13 -2.13 31.75
C3 NAG D . -13.32 -0.96 31.16
C4 NAG D . -12.03 -0.75 31.94
C5 NAG D . -11.23 -2.04 31.89
C6 NAG D . -9.90 -1.96 32.62
C7 NAG D . -16.40 -3.00 31.39
C8 NAG D . -17.50 -3.19 30.38
N2 NAG D . -15.29 -2.40 30.92
O3 NAG D . -14.11 0.22 31.19
O4 NAG D . -11.26 0.32 31.39
O5 NAG D . -11.99 -3.07 32.53
O6 NAG D . -10.07 -1.96 34.03
O7 NAG D . -16.51 -3.36 32.55
H2 NAG D . -14.43 -1.87 32.64
H3 NAG D . -13.10 -1.18 30.23
H4 NAG D . -12.25 -0.54 32.86
H5 NAG D . -11.06 -2.29 30.97
H61 NAG D . -9.45 -1.13 32.36
H62 NAG D . -9.35 -2.72 32.37
H81 NAG D . -17.17 -3.75 29.65
H82 NAG D . -17.79 -2.33 30.04
H83 NAG D . -18.25 -3.64 30.82
HN2 NAG D . -15.27 -2.15 30.05
HO3 NAG D . -13.63 0.90 30.89
HO6 NAG D . -9.41 -1.50 34.41
C1 NAG D . -11.33 1.51 32.20
C2 NAG D . -10.25 2.52 31.81
C3 NAG D . -10.36 3.77 32.67
C4 NAG D . -11.75 4.37 32.56
C5 NAG D . -12.81 3.32 32.90
C6 NAG D . -14.22 3.80 32.67
C7 NAG D . -8.26 1.44 30.85
C8 NAG D . -6.88 0.90 31.13
N2 NAG D . -8.92 1.94 31.91
O3 NAG D . -9.38 4.72 32.28
O4 NAG D . -11.88 5.47 33.44
O5 NAG D . -12.63 2.14 32.09
O6 NAG D . -14.55 3.78 31.29
O7 NAG D . -8.75 1.41 29.72
H1 NAG D . -11.19 1.26 33.13
H2 NAG D . -10.40 2.78 30.88
H3 NAG D . -10.19 3.53 33.61
H4 NAG D . -11.89 4.67 31.64
H5 NAG D . -12.71 3.07 33.84
H61 NAG D . -14.31 4.71 33.01
H62 NAG D . -14.83 3.22 33.15
H81 NAG D . -6.94 0.18 31.78
H82 NAG D . -6.32 1.62 31.49
H83 NAG D . -6.50 0.56 30.30
HN2 NAG D . -8.51 1.94 32.72
HO3 NAG D . -9.09 5.17 32.99
HO4 NAG D . -12.36 6.11 33.04
HO6 NAG D . -15.04 3.06 31.10
C1 NAG E . 19.91 -15.95 -1.51
C2 NAG E . 20.12 -17.39 -2.00
C3 NAG E . 19.91 -18.40 -0.86
C4 NAG E . 20.78 -18.06 0.34
C5 NAG E . 20.50 -16.63 0.78
C6 NAG E . 21.38 -16.19 1.93
C7 NAG E . 19.60 -17.79 -4.37
C8 NAG E . 18.51 -18.08 -5.37
N2 NAG E . 19.20 -17.67 -3.10
O3 NAG E . 20.23 -19.70 -1.35
O4 NAG E . 20.49 -18.95 1.43
O5 NAG E . 20.74 -15.72 -0.31
O6 NAG E . 22.66 -15.75 1.47
O7 NAG E . 20.77 -17.65 -4.71
H1 NAG E . 18.98 -15.81 -1.28
H2 NAG E . 21.03 -17.48 -2.33
H3 NAG E . 18.97 -18.39 -0.60
H4 NAG E . 21.72 -18.16 0.10
H5 NAG E . 19.56 -16.55 1.06
H61 NAG E . 20.95 -15.44 2.39
H62 NAG E . 21.50 -16.92 2.55
H81 NAG E . 17.85 -17.37 -5.35
H82 NAG E . 18.91 -18.15 -6.26
H83 NAG E . 18.09 -18.93 -5.14
HN2 NAG E . 18.32 -17.79 -2.91
HO3 NAG E . 19.68 -20.30 -0.98
HO6 NAG E . 23.29 -16.07 2.02
C1 NAG E . 21.56 -19.87 1.82
C2 NAG E . 21.31 -20.42 3.23
C3 NAG E . 22.38 -21.44 3.61
C4 NAG E . 22.52 -22.52 2.54
C5 NAG E . 22.77 -21.86 1.19
C6 NAG E . 22.85 -22.86 0.04
C7 NAG E . 20.15 -18.63 4.46
C8 NAG E . 20.27 -17.60 5.53
N2 NAG E . 21.24 -19.37 4.22
O3 NAG E . 22.03 -22.07 4.85
O4 NAG E . 23.62 -23.37 2.86
O5 NAG E . 21.70 -20.95 0.88
O6 NAG E . 21.56 -23.23 -0.41
O7 NAG E . 19.11 -18.80 3.83
H1 NAG E . 22.40 -19.37 1.83
H2 NAG E . 20.44 -20.89 3.22
H3 NAG E . 23.23 -20.98 3.71
H4 NAG E . 21.70 -23.04 2.49
H5 NAG E . 23.60 -21.35 1.22
H61 NAG E . 23.32 -23.64 0.35
H62 NAG E . 23.34 -22.46 -0.70
H81 NAG E . 20.98 -16.96 5.30
H82 NAG E . 20.50 -18.03 6.38
H83 NAG E . 19.42 -17.12 5.63
HN2 NAG E . 21.99 -19.21 4.73
HO3 NAG E . 22.61 -22.72 5.02
HO4 NAG E . 23.54 -24.13 2.41
HO6 NAG E . 21.61 -23.98 -0.89
C1 NAG F . -1.95 42.99 -6.88
C2 NAG F . -2.62 44.20 -7.53
C3 NAG F . -2.05 45.50 -6.97
C4 NAG F . -2.16 45.52 -5.45
C5 NAG F . -1.41 44.32 -4.89
C6 NAG F . -1.49 44.24 -3.39
C7 NAG F . -3.48 43.82 -9.79
C8 NAG F . -3.15 43.81 -11.25
N2 NAG F . -2.48 44.14 -8.96
O3 NAG F . -2.78 46.60 -7.51
O4 NAG F . -1.62 46.72 -4.89
O5 NAG F . -1.98 43.12 -5.42
O6 NAG F . -1.72 42.90 -2.95
O7 NAG F . -4.60 43.54 -9.37
H2 NAG F . -3.58 44.16 -7.30
H3 NAG F . -1.12 45.58 -7.23
H4 NAG F . -3.09 45.45 -5.19
H5 NAG F . -0.47 44.38 -5.17
H61 NAG F . -2.21 44.80 -3.06
H62 NAG F . -0.64 44.55 -3.00
H81 NAG F . -3.95 43.56 -11.76
H82 NAG F . -2.45 43.17 -11.42
H83 NAG F . -2.86 44.70 -11.52
HN2 NAG F . -1.67 44.33 -9.33
HO3 NAG F . -3.12 47.09 -6.85
HO6 NAG F . -1.85 42.38 -3.65
C1 NAG F . -2.63 47.55 -4.26
C2 NAG F . -2.02 48.42 -3.16
C3 NAG F . -3.07 49.36 -2.57
C4 NAG F . -3.77 50.15 -3.68
C5 NAG F . -4.34 49.19 -4.72
C6 NAG F . -4.98 49.90 -5.90
C7 NAG F . -0.15 47.25 -2.07
C8 NAG F . 0.27 46.40 -0.91
N2 NAG F . -1.43 47.60 -2.11
O3 NAG F . -2.44 50.26 -1.67
O4 NAG F . -4.82 50.94 -3.13
O5 NAG F . -3.28 48.38 -5.25
O6 NAG F . -5.60 48.98 -6.79
O7 NAG F . 0.65 47.58 -2.95
H1 NAG F . -3.30 46.96 -3.87
H2 NAG F . -1.31 48.96 -3.56
H3 NAG F . -3.74 48.83 -2.09
H4 NAG F . -3.12 50.73 -4.11
H5 NAG F . -5.00 48.61 -4.30
H61 NAG F . -4.30 50.40 -6.38
H62 NAG F . -5.65 50.52 -5.57
H81 NAG F . -0.24 45.57 -0.91
H82 NAG F . 0.10 46.90 -0.07
H83 NAG F . 1.22 46.19 -0.98
HN2 NAG F . -1.98 47.33 -1.43
HO3 NAG F . -3.06 50.75 -1.26
HO4 NAG F . -5.14 51.48 -3.76
HO6 NAG F . -6.23 49.40 -7.25
CA CA G . 12.09 -30.83 15.44
CA CA H . -9.24 -17.78 16.30
CA CA I . -5.99 -17.07 19.60
CA CA J . -5.97 -31.70 29.54
CA CA K . -12.72 -36.14 25.59
CA CA L . -13.71 -37.02 19.21
CA CA M . -20.00 -43.31 12.84
CA CA N . -24.74 -45.00 11.18
CA CA O . -25.97 -48.66 13.15
CA CA P . -40.09 -28.98 10.26
CA CA Q . -30.06 -17.91 20.03
CA CA R . -32.67 -22.22 -2.96
CA CA S . -14.64 -24.18 0.68
CA CA T . 8.28 15.96 -2.49
CA CA U . 18.55 13.02 -12.45
CA CA V . 23.70 9.57 -20.45
CA CA W . 24.44 8.42 -25.64
CA CA X . 23.31 4.05 -27.05
CA CA Y . -0.36 12.46 18.79
CA CA Z . 1.68 -5.81 1.65
CA CA AA . 4.99 -4.14 4.65
CA CA BA . 3.68 12.51 -7.90
CA CA CA . -2.63 11.71 -8.11
CA CA DA . -11.52 -6.81 -28.83
CA CA EA . 2.34 -11.36 -18.01
CA CA FA . -20.52 -13.34 -17.68
CA CA GA . -16.53 -5.29 -1.48
CA CA HA . 26.28 20.80 11.67
CA CA IA . 16.15 33.55 -7.51
CA CA JA . 14.52 33.07 -3.56
CA CA KA . 12.16 13.08 -9.90
CA CA LA . 16.86 24.28 -39.68
CA CA MA . 8.01 32.36 -26.35
CA CA NA . 28.84 34.35 -35.86
CA CA OA . 9.86 11.80 -1.90
CA CA PA . -10.75 13.06 -14.07
CA CA QA . -13.77 13.01 -19.04
CA CA RA . -13.65 16.52 -21.55
CA CA SA . 31.16 31.49 -17.56
#